data_1F9B
#
_entry.id   1F9B
#
_cell.length_a   85.037
_cell.length_b   99.815
_cell.length_c   103.425
_cell.angle_alpha   90.00
_cell.angle_beta   90.00
_cell.angle_gamma   90.00
#
_symmetry.space_group_name_H-M   'P 21 21 21'
#
loop_
_entity.id
_entity.type
_entity.pdbx_description
1 polymer LACTOTRANSFERRIN
2 non-polymer 'FE (III) ION'
3 non-polymer 'BICARBONATE ION'
4 non-polymer 3H-INDOLE-5,6-DIOL
5 water water
#
_entity_poly.entity_id   1
_entity_poly.type   'polypeptide(L)'
_entity_poly.pdbx_seq_one_letter_code
;LGLCLAAPRKSVRWCTISPAEAAKCAKFQRNMKKVRGPSVSCIRKTSSFECIQAIAANKADAVTLDGGLVYEAGLHPYKL
RPVAAEVYQTRGKPQTRYYAVAVVKKGSGFQLNQLQGVKSCHTGLGRSAGWNIPIGTLRPYLNWTGPPEPLQKAVANFFS
ASCVPCADGKQYPNLCRLCAGTEADKCACSSQEPYFGYSGAFKCLENGAGDVAFVKDSTVFENLPDEAERDKYELLCPDN
TRKPVDAFKECHLARVPSHAVVARSVDGREDLIWKLLHRAQEEFGRNKSSAFQLFKSTPEEQDLLFKDSALGFVRIPSQI
DSGLYLGANYLTATQNLRETAAEVAARRERVVWCAVGPEEERKCKQWSDVSNRKVACASASTTEECIALVLKGEADALNL
DGGFIYVAGKCGLVPVLAENQKSQNSNAPDCVHRPPEGYLAVAVVRKSDADLTWNSLSGKKSCHTGVGRTAAWNIPMGLL
FNQTGSCKFDKFFSQSCAPGADPQSSLCALCVGNNENENKCMPNSEERYYGYTGAFRCLAEKAGDVAFVKDVTVLQNTDG
KNSEPWAKDLKQEDFELLCLDGTRKPVAEAESCHLARAPNHAVVSQSDRAQHLKKVLFLQQDQFGGNGPDCPGKFCLFKS
ETKNLLFNDNTECLAELQGKTTYEQYLGSEYVTSITNLRRCSSSPLLEACAFLRA
;
_entity_poly.pdbx_strand_id   A
#
# COMPACT_ATOMS: atom_id res chain seq x y z
N ALA A 7 17.98 -20.83 -25.11
CA ALA A 7 16.53 -20.92 -25.44
C ALA A 7 15.66 -21.50 -24.30
N PRO A 8 15.95 -22.74 -23.83
CA PRO A 8 15.16 -23.37 -22.76
C PRO A 8 15.19 -22.74 -21.34
N ARG A 9 14.22 -23.12 -20.51
CA ARG A 9 14.10 -22.64 -19.13
C ARG A 9 13.77 -23.86 -18.23
N LYS A 10 14.52 -24.00 -17.14
CA LYS A 10 14.43 -25.13 -16.21
C LYS A 10 13.18 -25.38 -15.39
N SER A 11 13.38 -26.06 -14.26
CA SER A 11 12.27 -26.38 -13.39
C SER A 11 12.18 -25.53 -12.15
N VAL A 12 10.98 -25.38 -11.63
CA VAL A 12 10.77 -24.62 -10.42
C VAL A 12 10.97 -25.61 -9.29
N ARG A 13 11.89 -25.32 -8.37
CA ARG A 13 12.16 -26.18 -7.23
C ARG A 13 11.24 -25.82 -6.09
N TRP A 14 10.32 -26.70 -5.83
CA TRP A 14 9.35 -26.48 -4.78
C TRP A 14 9.90 -27.05 -3.47
N CYS A 15 9.87 -26.24 -2.44
CA CYS A 15 10.31 -26.70 -1.12
C CYS A 15 9.12 -27.34 -0.41
N THR A 16 9.36 -28.47 0.21
CA THR A 16 8.32 -29.19 0.97
C THR A 16 8.75 -29.27 2.44
N ILE A 17 7.80 -29.43 3.37
CA ILE A 17 8.09 -29.46 4.81
C ILE A 17 7.90 -30.76 5.61
N SER A 18 7.30 -31.77 5.00
CA SER A 18 7.08 -33.01 5.72
C SER A 18 6.91 -34.10 4.69
N PRO A 19 7.19 -35.36 5.06
CA PRO A 19 7.07 -36.53 4.17
C PRO A 19 5.77 -36.59 3.39
N ALA A 20 4.65 -36.42 4.10
CA ALA A 20 3.36 -36.44 3.44
C ALA A 20 3.37 -35.37 2.34
N GLU A 21 4.04 -34.26 2.62
CA GLU A 21 4.07 -33.19 1.64
C GLU A 21 4.93 -33.53 0.44
N ALA A 22 6.04 -34.22 0.68
CA ALA A 22 6.93 -34.65 -0.41
C ALA A 22 6.15 -35.54 -1.36
N ALA A 23 5.51 -36.57 -0.81
CA ALA A 23 4.70 -37.53 -1.56
C ALA A 23 3.71 -36.84 -2.48
N LYS A 24 2.98 -35.87 -1.94
CA LYS A 24 2.01 -35.13 -2.76
C LYS A 24 2.75 -34.41 -3.87
N CYS A 25 3.87 -33.76 -3.54
CA CYS A 25 4.67 -33.02 -4.52
C CYS A 25 5.01 -33.98 -5.64
N ALA A 26 5.54 -35.15 -5.27
CA ALA A 26 5.94 -36.17 -6.23
C ALA A 26 4.75 -36.49 -7.13
N LYS A 27 3.56 -36.58 -6.55
CA LYS A 27 2.38 -36.86 -7.34
C LYS A 27 2.23 -35.70 -8.35
N PHE A 28 2.51 -34.46 -7.89
CA PHE A 28 2.40 -33.26 -8.73
C PHE A 28 3.44 -33.22 -9.87
N GLN A 29 4.67 -33.66 -9.59
CA GLN A 29 5.78 -33.73 -10.57
C GLN A 29 5.52 -34.83 -11.61
N ARG A 30 4.89 -35.90 -11.14
CA ARG A 30 4.51 -37.03 -11.95
C ARG A 30 3.44 -36.54 -12.91
N ASN A 31 2.36 -35.96 -12.39
CA ASN A 31 1.29 -35.48 -13.27
C ASN A 31 1.60 -34.26 -14.15
N MET A 32 2.64 -33.48 -13.80
CA MET A 32 3.02 -32.34 -14.65
C MET A 32 3.69 -32.83 -15.96
N LYS A 33 4.61 -33.79 -15.82
CA LYS A 33 5.36 -34.37 -16.96
C LYS A 33 4.50 -35.32 -17.83
N LYS A 34 3.46 -35.89 -17.21
CA LYS A 34 2.55 -36.81 -17.92
C LYS A 34 1.58 -35.96 -18.78
N VAL A 35 1.45 -34.68 -18.43
CA VAL A 35 0.59 -33.76 -19.18
C VAL A 35 1.46 -32.87 -20.08
N ARG A 36 2.77 -33.10 -20.01
CA ARG A 36 3.74 -32.36 -20.81
C ARG A 36 3.59 -30.86 -20.58
N GLY A 37 3.63 -30.51 -19.30
CA GLY A 37 3.55 -29.12 -18.87
C GLY A 37 4.84 -28.85 -18.13
N PRO A 38 5.05 -27.61 -17.62
CA PRO A 38 6.23 -27.15 -16.86
C PRO A 38 6.68 -28.11 -15.76
N SER A 39 7.97 -28.38 -15.70
CA SER A 39 8.45 -29.31 -14.70
C SER A 39 8.73 -28.65 -13.37
N VAL A 40 8.54 -29.43 -12.32
CA VAL A 40 8.79 -28.99 -10.96
C VAL A 40 9.82 -29.95 -10.40
N SER A 41 10.28 -29.68 -9.18
CA SER A 41 11.29 -30.53 -8.54
C SER A 41 10.92 -30.41 -7.08
N CYS A 42 11.31 -31.36 -6.24
CA CYS A 42 10.95 -31.22 -4.84
C CYS A 42 12.12 -31.32 -3.90
N ILE A 43 12.33 -30.23 -3.18
CA ILE A 43 13.39 -30.13 -2.21
C ILE A 43 12.74 -30.48 -0.88
N ARG A 44 13.51 -30.95 0.08
CA ARG A 44 12.95 -31.34 1.35
C ARG A 44 13.56 -30.67 2.57
N LYS A 45 12.75 -29.83 3.20
CA LYS A 45 13.13 -29.10 4.40
C LYS A 45 12.10 -29.51 5.49
N THR A 46 12.25 -29.08 6.75
CA THR A 46 11.32 -29.51 7.83
C THR A 46 10.28 -28.52 8.34
N SER A 47 10.30 -27.29 7.85
CA SER A 47 9.32 -26.31 8.27
C SER A 47 9.31 -25.22 7.24
N SER A 48 8.24 -24.44 7.25
CA SER A 48 8.10 -23.34 6.33
C SER A 48 9.19 -22.27 6.47
N PHE A 49 9.65 -22.02 7.70
CA PHE A 49 10.71 -21.03 7.95
C PHE A 49 11.97 -21.48 7.25
N GLU A 50 12.16 -22.78 7.21
CA GLU A 50 13.34 -23.34 6.58
C GLU A 50 13.28 -23.23 5.08
N CYS A 51 12.09 -23.27 4.51
CA CYS A 51 11.96 -23.12 3.09
C CYS A 51 12.24 -21.67 2.79
N ILE A 52 11.83 -20.78 3.70
CA ILE A 52 12.09 -19.34 3.58
C ILE A 52 13.62 -19.29 3.45
N GLN A 53 14.33 -19.88 4.41
CA GLN A 53 15.78 -19.94 4.38
C GLN A 53 16.26 -20.65 3.13
N ALA A 54 15.76 -21.85 2.90
CA ALA A 54 16.13 -22.62 1.75
C ALA A 54 15.89 -21.81 0.47
N ILE A 55 14.84 -21.01 0.42
CA ILE A 55 14.58 -20.26 -0.81
C ILE A 55 15.55 -19.09 -1.03
N ALA A 56 15.75 -18.29 0.00
CA ALA A 56 16.64 -17.13 -0.07
C ALA A 56 18.08 -17.54 -0.40
N ALA A 57 18.44 -18.76 0.00
CA ALA A 57 19.77 -19.28 -0.22
C ALA A 57 19.93 -20.00 -1.58
N ASN A 58 18.94 -19.81 -2.46
CA ASN A 58 18.93 -20.41 -3.78
C ASN A 58 18.99 -21.94 -3.78
N LYS A 59 18.42 -22.55 -2.74
CA LYS A 59 18.34 -24.00 -2.64
C LYS A 59 16.98 -24.40 -3.22
N ALA A 60 15.99 -23.55 -2.98
CA ALA A 60 14.63 -23.77 -3.47
C ALA A 60 14.19 -22.55 -4.29
N ASP A 61 12.95 -22.55 -4.77
CA ASP A 61 12.45 -21.40 -5.56
C ASP A 61 11.08 -20.91 -5.12
N ALA A 62 10.21 -21.79 -4.60
CA ALA A 62 8.86 -21.42 -4.20
C ALA A 62 8.34 -22.19 -2.99
N VAL A 63 7.33 -21.52 -2.40
CA VAL A 63 6.55 -21.97 -1.24
C VAL A 63 5.40 -21.00 -0.94
N THR A 64 4.25 -21.65 -0.67
CA THR A 64 3.01 -20.98 -0.21
C THR A 64 3.17 -20.73 1.26
N LEU A 65 2.89 -19.53 1.67
CA LEU A 65 3.02 -19.15 3.07
C LEU A 65 1.78 -18.50 3.55
N ASP A 66 1.54 -18.53 4.84
CA ASP A 66 0.40 -17.87 5.40
C ASP A 66 0.75 -16.38 5.53
N GLY A 67 -0.24 -15.49 5.39
CA GLY A 67 0.05 -14.07 5.50
C GLY A 67 1.12 -13.70 6.52
N GLY A 68 1.04 -14.31 7.69
CA GLY A 68 1.99 -14.04 8.75
C GLY A 68 3.42 -14.41 8.44
N LEU A 69 3.63 -15.48 7.69
CA LEU A 69 5.00 -15.87 7.33
C LEU A 69 5.47 -15.08 6.11
N VAL A 70 4.51 -14.60 5.31
CA VAL A 70 4.82 -13.77 4.15
C VAL A 70 5.60 -12.70 4.87
N TYR A 71 4.95 -12.11 5.86
CA TYR A 71 5.56 -11.08 6.64
C TYR A 71 7.01 -11.37 7.06
N GLU A 72 7.24 -12.49 7.74
CA GLU A 72 8.57 -12.88 8.18
C GLU A 72 9.54 -13.09 7.03
N ALA A 73 9.01 -13.60 5.94
CA ALA A 73 9.85 -13.86 4.78
C ALA A 73 10.27 -12.58 4.09
N GLY A 74 9.45 -11.56 4.20
CA GLY A 74 9.77 -10.30 3.56
C GLY A 74 10.83 -9.57 4.34
N LEU A 75 11.08 -10.01 5.58
CA LEU A 75 12.05 -9.34 6.41
C LEU A 75 13.40 -9.32 5.79
N HIS A 76 14.25 -8.44 6.29
CA HIS A 76 15.56 -8.27 5.69
C HIS A 76 16.43 -9.37 5.08
N PRO A 77 17.16 -10.15 5.90
CA PRO A 77 18.04 -11.20 5.36
C PRO A 77 17.48 -12.12 4.25
N TYR A 78 16.16 -12.26 4.20
CA TYR A 78 15.49 -13.08 3.22
C TYR A 78 14.93 -12.31 2.02
N LYS A 79 14.21 -11.23 2.31
CA LYS A 79 13.60 -10.39 1.29
C LYS A 79 12.83 -11.15 0.20
N LEU A 80 11.94 -12.05 0.60
CA LEU A 80 11.15 -12.79 -0.37
C LEU A 80 9.93 -11.93 -0.69
N ARG A 81 9.26 -12.24 -1.81
CA ARG A 81 8.09 -11.50 -2.23
C ARG A 81 6.96 -12.41 -2.75
N PRO A 82 5.69 -12.07 -2.46
CA PRO A 82 4.50 -12.84 -2.88
C PRO A 82 4.21 -12.76 -4.36
N VAL A 83 4.37 -13.89 -5.02
CA VAL A 83 4.14 -13.97 -6.44
C VAL A 83 2.69 -14.21 -6.80
N ALA A 84 2.02 -15.14 -6.13
CA ALA A 84 0.63 -15.40 -6.47
C ALA A 84 -0.14 -15.69 -5.19
N ALA A 85 -1.38 -15.20 -5.16
CA ALA A 85 -2.29 -15.34 -4.02
C ALA A 85 -3.34 -16.37 -4.24
N GLU A 86 -3.51 -17.30 -3.30
CA GLU A 86 -4.54 -18.32 -3.43
C GLU A 86 -5.87 -17.61 -3.29
N VAL A 87 -6.89 -18.17 -3.95
CA VAL A 87 -8.25 -17.63 -3.94
C VAL A 87 -9.13 -18.61 -3.10
N TYR A 88 -10.13 -18.13 -2.37
CA TYR A 88 -10.93 -19.03 -1.53
C TYR A 88 -12.45 -18.96 -1.65
N GLN A 89 -13.11 -19.88 -0.92
CA GLN A 89 -14.58 -20.05 -0.77
C GLN A 89 -15.42 -18.77 -0.72
N THR A 90 -15.39 -18.15 0.47
CA THR A 90 -16.11 -16.92 0.87
C THR A 90 -17.56 -17.14 1.28
N ARG A 91 -18.12 -18.29 0.87
CA ARG A 91 -19.52 -18.61 1.13
C ARG A 91 -20.27 -17.74 0.11
N GLY A 92 -19.52 -16.97 -0.67
CA GLY A 92 -20.11 -16.08 -1.64
C GLY A 92 -19.22 -15.89 -2.84
N LYS A 93 -18.73 -14.67 -3.03
CA LYS A 93 -17.86 -14.36 -4.17
C LYS A 93 -16.46 -14.74 -3.75
N PRO A 94 -15.65 -15.34 -4.64
CA PRO A 94 -14.27 -15.76 -4.34
C PRO A 94 -13.46 -14.56 -3.85
N GLN A 95 -12.53 -14.79 -2.95
CA GLN A 95 -11.73 -13.68 -2.47
C GLN A 95 -10.35 -14.15 -2.15
N THR A 96 -9.43 -13.19 -2.06
CA THR A 96 -8.03 -13.45 -1.72
C THR A 96 -7.73 -13.00 -0.25
N ARG A 97 -8.78 -13.06 0.59
CA ARG A 97 -8.75 -12.68 2.01
C ARG A 97 -9.53 -13.74 2.76
N TYR A 98 -9.46 -13.72 4.06
CA TYR A 98 -10.30 -14.60 4.85
C TYR A 98 -10.25 -14.19 6.31
N TYR A 99 -11.31 -14.61 6.97
CA TYR A 99 -11.63 -14.26 8.34
C TYR A 99 -11.04 -15.23 9.37
N ALA A 100 -10.40 -14.72 10.42
CA ALA A 100 -9.86 -15.58 11.47
C ALA A 100 -10.95 -15.72 12.53
N VAL A 101 -11.15 -16.91 13.06
CA VAL A 101 -12.18 -17.13 14.06
C VAL A 101 -11.63 -17.90 15.23
N ALA A 102 -12.38 -17.92 16.31
CA ALA A 102 -12.00 -18.68 17.50
C ALA A 102 -13.17 -19.61 17.65
N VAL A 103 -12.90 -20.91 17.56
CA VAL A 103 -13.95 -21.89 17.64
C VAL A 103 -13.99 -22.60 18.97
N VAL A 104 -15.20 -22.79 19.49
CA VAL A 104 -15.42 -23.48 20.74
C VAL A 104 -16.66 -24.36 20.77
N LYS A 105 -16.69 -25.26 21.75
CA LYS A 105 -17.80 -26.16 21.90
C LYS A 105 -18.89 -25.47 22.62
N LYS A 106 -20.13 -25.81 22.32
CA LYS A 106 -21.24 -25.20 23.01
C LYS A 106 -21.24 -25.65 24.46
N GLY A 107 -21.74 -24.78 25.32
CA GLY A 107 -21.80 -25.10 26.73
C GLY A 107 -20.47 -25.10 27.45
N SER A 108 -19.56 -24.24 27.03
CA SER A 108 -18.25 -24.14 27.65
C SER A 108 -18.28 -22.87 28.49
N GLY A 109 -19.34 -22.08 28.27
CA GLY A 109 -19.56 -20.87 29.02
C GLY A 109 -18.70 -19.62 28.86
N PHE A 110 -17.37 -19.75 28.81
CA PHE A 110 -16.53 -18.55 28.70
C PHE A 110 -16.69 -17.67 27.45
N GLN A 111 -16.11 -16.46 27.48
CA GLN A 111 -16.13 -15.52 26.35
C GLN A 111 -14.73 -15.15 25.96
N LEU A 112 -14.62 -14.30 24.96
CA LEU A 112 -13.32 -13.92 24.47
C LEU A 112 -12.50 -13.33 25.61
N ASN A 113 -13.18 -12.63 26.52
CA ASN A 113 -12.47 -12.00 27.61
C ASN A 113 -12.34 -12.85 28.84
N GLN A 114 -12.28 -14.17 28.66
CA GLN A 114 -12.13 -15.06 29.81
C GLN A 114 -11.21 -16.22 29.53
N LEU A 115 -10.46 -16.16 28.44
CA LEU A 115 -9.57 -17.27 28.10
C LEU A 115 -8.52 -17.59 29.16
N GLN A 116 -8.26 -16.68 30.09
CA GLN A 116 -7.24 -16.95 31.12
C GLN A 116 -7.43 -18.34 31.75
N GLY A 117 -6.46 -19.22 31.51
CA GLY A 117 -6.52 -20.55 32.08
C GLY A 117 -7.23 -21.63 31.29
N VAL A 118 -7.56 -21.33 30.06
CA VAL A 118 -8.22 -22.27 29.18
C VAL A 118 -7.12 -23.02 28.42
N LYS A 119 -7.44 -24.21 27.91
CA LYS A 119 -6.46 -24.96 27.11
C LYS A 119 -6.70 -24.48 25.69
N SER A 120 -5.66 -24.22 24.92
CA SER A 120 -5.92 -23.75 23.57
C SER A 120 -5.12 -24.41 22.47
N CYS A 121 -5.74 -24.59 21.30
CA CYS A 121 -5.09 -25.21 20.14
C CYS A 121 -4.85 -24.16 19.07
N HIS A 122 -3.65 -24.18 18.49
CA HIS A 122 -3.25 -23.20 17.47
C HIS A 122 -2.72 -23.83 16.20
N THR A 123 -2.99 -23.17 15.06
CA THR A 123 -2.55 -23.65 13.77
C THR A 123 -1.05 -23.82 13.72
N GLY A 124 -0.34 -22.91 14.35
CA GLY A 124 1.11 -23.00 14.38
C GLY A 124 1.62 -21.69 14.86
N LEU A 125 2.86 -21.69 15.31
CA LEU A 125 3.48 -20.47 15.79
C LEU A 125 3.70 -19.47 14.67
N GLY A 126 3.20 -18.26 14.83
CA GLY A 126 3.42 -17.26 13.80
C GLY A 126 2.39 -17.11 12.68
N ARG A 127 1.37 -17.97 12.66
CA ARG A 127 0.39 -17.85 11.60
C ARG A 127 -0.71 -16.82 11.90
N SER A 128 -1.28 -16.22 10.86
CA SER A 128 -2.30 -15.20 10.99
C SER A 128 -3.35 -15.54 12.01
N ALA A 129 -4.16 -16.53 11.68
CA ALA A 129 -5.26 -16.95 12.54
C ALA A 129 -4.90 -17.79 13.76
N GLY A 130 -3.86 -18.61 13.64
CA GLY A 130 -3.47 -19.47 14.74
C GLY A 130 -2.61 -18.85 15.80
N TRP A 131 -2.05 -17.68 15.52
CA TRP A 131 -1.19 -17.00 16.47
C TRP A 131 -1.28 -15.48 16.44
N ASN A 132 -0.68 -14.85 15.43
CA ASN A 132 -0.66 -13.39 15.27
C ASN A 132 -1.95 -12.69 15.59
N ILE A 133 -3.03 -13.21 15.03
CA ILE A 133 -4.29 -12.57 15.28
C ILE A 133 -4.91 -12.80 16.67
N PRO A 134 -4.98 -14.07 17.15
CA PRO A 134 -5.59 -14.20 18.49
C PRO A 134 -4.80 -13.49 19.58
N ILE A 135 -3.49 -13.76 19.62
CA ILE A 135 -2.60 -13.16 20.59
C ILE A 135 -2.69 -11.64 20.67
N GLY A 136 -2.56 -10.98 19.55
CA GLY A 136 -2.64 -9.54 19.57
C GLY A 136 -3.97 -9.08 20.13
N THR A 137 -4.99 -9.93 20.07
CA THR A 137 -6.31 -9.60 20.61
C THR A 137 -6.31 -9.73 22.13
N LEU A 138 -5.48 -10.66 22.62
CA LEU A 138 -5.33 -10.95 24.04
C LEU A 138 -4.13 -10.29 24.68
N ARG A 139 -3.47 -9.39 23.96
CA ARG A 139 -2.29 -8.72 24.53
C ARG A 139 -2.68 -8.07 25.87
N PRO A 140 -3.83 -7.39 25.90
CA PRO A 140 -4.31 -6.73 27.11
C PRO A 140 -4.52 -7.63 28.35
N TYR A 141 -4.67 -8.93 28.13
CA TYR A 141 -4.89 -9.84 29.24
C TYR A 141 -3.64 -10.66 29.50
N LEU A 142 -2.58 -10.42 28.73
CA LEU A 142 -1.36 -11.19 28.92
C LEU A 142 -0.50 -10.67 30.08
N ASN A 143 -0.67 -9.39 30.44
CA ASN A 143 0.10 -8.74 31.52
C ASN A 143 1.54 -9.03 31.14
N TRP A 144 1.91 -8.43 30.01
CA TRP A 144 3.22 -8.63 29.40
C TRP A 144 4.04 -7.38 29.36
N THR A 145 5.26 -7.53 29.85
CA THR A 145 6.23 -6.44 29.90
C THR A 145 6.28 -5.73 28.56
N GLY A 146 6.54 -6.53 27.53
CA GLY A 146 6.67 -6.07 26.17
C GLY A 146 7.81 -6.91 25.58
N PRO A 147 8.40 -6.51 24.44
CA PRO A 147 9.50 -7.19 23.74
C PRO A 147 10.68 -7.81 24.51
N PRO A 148 11.31 -7.07 25.46
CA PRO A 148 12.44 -7.70 26.18
C PRO A 148 12.11 -9.13 26.69
N GLU A 149 10.87 -9.33 27.11
CA GLU A 149 10.32 -10.60 27.61
C GLU A 149 9.69 -11.39 26.43
N PRO A 150 10.19 -12.61 26.12
CA PRO A 150 9.64 -13.41 25.01
C PRO A 150 8.13 -13.60 25.04
N LEU A 151 7.48 -13.24 23.94
CA LEU A 151 6.03 -13.35 23.83
C LEU A 151 5.53 -14.73 24.21
N GLN A 152 6.32 -15.74 23.89
CA GLN A 152 5.91 -17.07 24.21
C GLN A 152 5.75 -17.30 25.71
N LYS A 153 6.50 -16.56 26.53
CA LYS A 153 6.38 -16.71 27.99
C LYS A 153 5.07 -16.16 28.49
N ALA A 154 4.56 -15.15 27.82
CA ALA A 154 3.27 -14.59 28.22
C ALA A 154 2.18 -15.62 27.94
N VAL A 155 2.14 -16.16 26.72
CA VAL A 155 1.14 -17.15 26.37
C VAL A 155 1.30 -18.43 27.17
N ALA A 156 2.54 -18.87 27.39
CA ALA A 156 2.76 -20.09 28.15
C ALA A 156 2.22 -20.04 29.56
N ASN A 157 2.01 -18.84 30.09
CA ASN A 157 1.47 -18.66 31.45
C ASN A 157 -0.04 -18.42 31.46
N PHE A 158 -0.51 -17.75 30.42
CA PHE A 158 -1.91 -17.38 30.23
C PHE A 158 -2.77 -18.57 29.88
N PHE A 159 -2.27 -19.43 29.00
CA PHE A 159 -2.99 -20.64 28.60
C PHE A 159 -2.47 -21.77 29.47
N SER A 160 -3.38 -22.59 30.02
CA SER A 160 -2.92 -23.68 30.90
C SER A 160 -2.08 -24.76 30.25
N ALA A 161 -2.23 -24.92 28.93
CA ALA A 161 -1.49 -25.92 28.18
C ALA A 161 -2.09 -25.72 26.81
N SER A 162 -1.25 -25.75 25.79
CA SER A 162 -1.71 -25.52 24.42
C SER A 162 -0.89 -26.31 23.44
N CYS A 163 -1.32 -26.28 22.19
CA CYS A 163 -0.54 -26.90 21.14
C CYS A 163 -0.37 -25.80 20.11
N VAL A 164 0.79 -25.19 20.16
CA VAL A 164 1.19 -24.13 19.25
C VAL A 164 2.41 -24.76 18.68
N PRO A 165 2.28 -25.41 17.54
CA PRO A 165 3.39 -26.08 16.87
C PRO A 165 4.43 -25.05 16.52
N CYS A 166 5.66 -25.53 16.40
CA CYS A 166 6.84 -24.72 16.11
C CYS A 166 7.30 -24.03 17.41
N ALA A 167 6.51 -24.16 18.48
CA ALA A 167 6.83 -23.56 19.77
C ALA A 167 8.02 -24.26 20.36
N ASP A 168 8.72 -23.55 21.23
CA ASP A 168 9.90 -24.05 21.93
C ASP A 168 9.45 -24.88 23.11
N GLY A 169 8.99 -26.10 22.88
CA GLY A 169 8.52 -26.99 23.91
C GLY A 169 9.55 -27.43 24.97
N LYS A 170 10.81 -27.01 24.82
CA LYS A 170 11.85 -27.34 25.83
C LYS A 170 11.98 -26.24 26.86
N GLN A 171 11.69 -25.01 26.48
CA GLN A 171 11.74 -23.88 27.36
C GLN A 171 10.32 -23.53 27.80
N TYR A 172 9.37 -23.77 26.89
CA TYR A 172 7.95 -23.47 27.12
C TYR A 172 7.07 -24.71 26.97
N PRO A 173 7.34 -25.76 27.77
CA PRO A 173 6.57 -27.00 27.68
C PRO A 173 5.04 -26.83 27.63
N ASN A 174 4.53 -25.81 28.30
CA ASN A 174 3.10 -25.54 28.36
C ASN A 174 2.52 -25.22 26.98
N LEU A 175 3.35 -24.67 26.10
CA LEU A 175 2.95 -24.31 24.74
C LEU A 175 2.90 -25.50 23.76
N CYS A 176 3.43 -26.66 24.17
CA CYS A 176 3.45 -27.87 23.35
C CYS A 176 2.75 -29.09 23.97
N ARG A 177 2.46 -29.02 25.26
CA ARG A 177 1.84 -30.10 26.03
C ARG A 177 0.63 -30.81 25.41
N LEU A 178 -0.29 -30.05 24.83
CA LEU A 178 -1.47 -30.65 24.23
C LEU A 178 -1.22 -31.30 22.88
N CYS A 179 -0.07 -31.00 22.29
CA CYS A 179 0.23 -31.57 21.00
C CYS A 179 0.28 -33.08 21.08
N ALA A 180 -0.34 -33.72 20.09
CA ALA A 180 -0.36 -35.16 19.98
C ALA A 180 0.70 -35.39 18.92
N GLY A 181 1.75 -36.12 19.27
CA GLY A 181 2.80 -36.37 18.31
C GLY A 181 3.61 -37.47 18.95
N THR A 182 4.35 -38.24 18.15
CA THR A 182 5.17 -39.30 18.72
C THR A 182 6.30 -38.63 19.51
N GLU A 183 7.42 -39.31 19.71
CA GLU A 183 8.53 -38.75 20.51
C GLU A 183 9.02 -37.31 20.14
N ALA A 184 9.80 -37.14 19.06
CA ALA A 184 10.26 -35.82 18.69
C ALA A 184 9.31 -35.17 17.67
N ASP A 185 8.25 -35.89 17.32
CA ASP A 185 7.24 -35.39 16.40
C ASP A 185 6.38 -34.39 17.18
N LYS A 186 6.31 -34.55 18.50
CA LYS A 186 5.52 -33.66 19.32
C LYS A 186 5.82 -32.20 19.10
N CYS A 187 4.79 -31.46 18.71
CA CYS A 187 4.87 -30.02 18.45
C CYS A 187 5.69 -29.69 17.21
N ALA A 188 5.86 -30.69 16.34
CA ALA A 188 6.61 -30.52 15.10
C ALA A 188 5.95 -29.43 14.28
N CYS A 189 6.76 -28.71 13.52
CA CYS A 189 6.28 -27.62 12.71
C CYS A 189 6.00 -28.02 11.28
N SER A 190 5.41 -29.19 11.11
CA SER A 190 5.05 -29.74 9.80
C SER A 190 3.83 -30.59 10.06
N SER A 191 3.31 -31.26 9.04
CA SER A 191 2.14 -32.09 9.27
C SER A 191 2.52 -33.33 10.08
N GLN A 192 3.70 -33.32 10.67
CA GLN A 192 4.15 -34.44 11.48
C GLN A 192 3.36 -34.46 12.77
N GLU A 193 3.10 -33.28 13.31
CA GLU A 193 2.32 -33.16 14.52
C GLU A 193 0.89 -33.04 14.02
N PRO A 194 0.04 -34.03 14.34
CA PRO A 194 -1.35 -34.01 13.90
C PRO A 194 -2.11 -32.75 14.27
N TYR A 195 -1.61 -31.99 15.24
CA TYR A 195 -2.33 -30.81 15.62
C TYR A 195 -1.97 -29.56 14.83
N PHE A 196 -1.14 -29.77 13.83
CA PHE A 196 -0.67 -28.72 12.94
C PHE A 196 -1.60 -28.26 11.79
N GLY A 197 -1.83 -26.95 11.74
CA GLY A 197 -2.63 -26.38 10.69
C GLY A 197 -4.08 -26.26 11.12
N TYR A 198 -4.85 -25.69 10.22
CA TYR A 198 -6.28 -25.42 10.44
C TYR A 198 -7.04 -26.63 10.96
N SER A 199 -6.80 -27.76 10.34
CA SER A 199 -7.54 -28.96 10.70
C SER A 199 -7.01 -29.60 11.96
N GLY A 200 -5.70 -29.54 12.19
CA GLY A 200 -5.14 -30.14 13.39
C GLY A 200 -5.63 -29.38 14.60
N ALA A 201 -5.64 -28.06 14.50
CA ALA A 201 -6.12 -27.21 15.58
C ALA A 201 -7.59 -27.54 15.80
N PHE A 202 -8.32 -27.90 14.74
CA PHE A 202 -9.75 -28.27 14.92
C PHE A 202 -9.89 -29.62 15.63
N LYS A 203 -9.12 -30.62 15.22
CA LYS A 203 -9.19 -31.94 15.85
C LYS A 203 -8.81 -31.80 17.32
N CYS A 204 -7.76 -31.02 17.62
CA CYS A 204 -7.33 -30.78 19.02
C CYS A 204 -8.50 -30.27 19.88
N LEU A 205 -9.43 -29.56 19.26
CA LEU A 205 -10.64 -29.06 19.91
C LEU A 205 -11.66 -30.21 20.04
N GLU A 206 -12.10 -30.72 18.90
CA GLU A 206 -13.09 -31.80 18.84
C GLU A 206 -12.66 -33.11 19.53
N ASN A 207 -11.37 -33.30 19.77
CA ASN A 207 -10.95 -34.50 20.47
C ASN A 207 -10.82 -34.22 21.97
N GLY A 208 -11.28 -33.03 22.38
CA GLY A 208 -11.25 -32.65 23.79
C GLY A 208 -9.93 -32.39 24.51
N ALA A 209 -8.87 -32.14 23.77
CA ALA A 209 -7.59 -31.85 24.38
C ALA A 209 -7.57 -30.35 24.70
N GLY A 210 -8.25 -29.55 23.87
CA GLY A 210 -8.33 -28.12 24.06
C GLY A 210 -9.75 -27.58 24.12
N ASP A 211 -9.92 -26.33 24.57
CA ASP A 211 -11.24 -25.72 24.70
C ASP A 211 -11.57 -24.60 23.68
N VAL A 212 -10.54 -24.10 22.99
CA VAL A 212 -10.68 -23.02 21.99
C VAL A 212 -9.72 -23.29 20.84
N ALA A 213 -10.22 -23.11 19.62
CA ALA A 213 -9.43 -23.35 18.42
C ALA A 213 -9.27 -22.07 17.68
N PHE A 214 -8.04 -21.74 17.38
CA PHE A 214 -7.82 -20.53 16.65
C PHE A 214 -7.60 -21.00 15.22
N VAL A 215 -8.64 -20.80 14.39
CA VAL A 215 -8.61 -21.24 13.00
C VAL A 215 -9.34 -20.30 12.02
N LYS A 216 -9.41 -20.75 10.76
CA LYS A 216 -10.04 -20.10 9.61
C LYS A 216 -11.56 -20.30 9.65
N ASP A 217 -12.27 -19.45 8.92
CA ASP A 217 -13.73 -19.49 8.84
C ASP A 217 -14.32 -20.75 8.22
N SER A 218 -13.55 -21.38 7.35
CA SER A 218 -13.99 -22.56 6.63
C SER A 218 -13.78 -23.86 7.38
N THR A 219 -12.74 -23.91 8.21
CA THR A 219 -12.38 -25.09 8.97
C THR A 219 -13.53 -25.96 9.49
N VAL A 220 -14.46 -25.35 10.22
CA VAL A 220 -15.61 -26.06 10.77
C VAL A 220 -16.42 -26.70 9.68
N PHE A 221 -16.54 -26.01 8.56
CA PHE A 221 -17.32 -26.52 7.44
C PHE A 221 -16.57 -27.61 6.62
N GLU A 222 -15.26 -27.54 6.64
CA GLU A 222 -14.47 -28.51 5.91
C GLU A 222 -14.49 -29.83 6.66
N ASN A 223 -14.58 -29.77 7.98
CA ASN A 223 -14.59 -30.98 8.79
C ASN A 223 -15.95 -31.55 9.18
N LEU A 224 -16.95 -30.69 9.33
CA LEU A 224 -18.28 -31.14 9.72
C LEU A 224 -19.25 -30.78 8.59
N PRO A 225 -19.34 -31.66 7.57
CA PRO A 225 -20.21 -31.45 6.41
C PRO A 225 -21.71 -31.50 6.73
N ASP A 226 -22.06 -31.98 7.92
CA ASP A 226 -23.47 -32.07 8.27
C ASP A 226 -23.88 -31.01 9.29
N GLU A 227 -24.73 -30.05 8.88
CA GLU A 227 -25.18 -28.94 9.75
C GLU A 227 -25.46 -29.27 11.23
N ALA A 228 -25.82 -30.51 11.50
CA ALA A 228 -26.12 -30.97 12.85
C ALA A 228 -24.83 -31.00 13.65
N GLU A 229 -23.75 -31.44 13.03
CA GLU A 229 -22.43 -31.50 13.65
C GLU A 229 -21.97 -30.12 14.12
N ARG A 230 -22.14 -29.14 13.23
CA ARG A 230 -21.75 -27.75 13.46
C ARG A 230 -22.48 -27.06 14.60
N ASP A 231 -23.71 -27.47 14.84
CA ASP A 231 -24.49 -26.87 15.89
C ASP A 231 -23.99 -27.21 17.27
N LYS A 232 -23.06 -28.15 17.37
CA LYS A 232 -22.46 -28.47 18.66
C LYS A 232 -21.36 -27.44 18.89
N TYR A 233 -21.12 -26.57 17.90
CA TYR A 233 -20.04 -25.59 17.98
C TYR A 233 -20.51 -24.14 17.82
N GLU A 234 -19.62 -23.24 18.25
CA GLU A 234 -19.88 -21.80 18.25
C GLU A 234 -18.58 -21.04 18.07
N LEU A 235 -18.69 -19.71 17.95
CA LEU A 235 -17.55 -18.80 17.79
C LEU A 235 -17.61 -17.71 18.85
N LEU A 236 -16.44 -17.28 19.33
CA LEU A 236 -16.30 -16.24 20.34
C LEU A 236 -16.12 -14.94 19.56
N CYS A 237 -17.01 -13.96 19.76
CA CYS A 237 -16.91 -12.66 19.08
C CYS A 237 -16.21 -11.67 19.99
N PRO A 238 -15.36 -10.79 19.43
CA PRO A 238 -14.60 -9.77 20.18
C PRO A 238 -15.45 -8.80 20.98
N ASP A 239 -16.77 -9.01 21.00
CA ASP A 239 -17.69 -8.17 21.76
C ASP A 239 -18.26 -9.03 22.89
N ASN A 240 -17.45 -10.01 23.22
CA ASN A 240 -17.70 -10.98 24.25
C ASN A 240 -19.06 -11.61 24.30
N THR A 241 -19.44 -12.23 23.17
CA THR A 241 -20.69 -12.98 23.05
C THR A 241 -20.38 -14.14 22.13
N ARG A 242 -21.36 -15.01 21.93
CA ARG A 242 -21.20 -16.19 21.07
C ARG A 242 -22.26 -16.23 19.99
N LYS A 243 -21.83 -16.58 18.77
CA LYS A 243 -22.72 -16.69 17.62
C LYS A 243 -22.39 -17.95 16.81
N PRO A 244 -23.37 -18.54 16.12
CA PRO A 244 -23.19 -19.75 15.32
C PRO A 244 -21.97 -19.77 14.40
N VAL A 245 -21.38 -20.95 14.16
CA VAL A 245 -20.22 -21.02 13.26
C VAL A 245 -20.48 -20.39 11.90
N ASP A 246 -21.74 -20.30 11.49
CA ASP A 246 -22.02 -19.70 10.21
C ASP A 246 -21.94 -18.16 10.20
N ALA A 247 -21.71 -17.57 11.38
CA ALA A 247 -21.65 -16.10 11.51
C ALA A 247 -20.27 -15.42 11.45
N PHE A 248 -19.32 -16.02 10.76
CA PHE A 248 -17.98 -15.47 10.70
C PHE A 248 -17.90 -14.06 10.17
N LYS A 249 -18.84 -13.67 9.34
CA LYS A 249 -18.76 -12.33 8.80
C LYS A 249 -19.03 -11.40 9.93
N GLU A 250 -19.72 -11.89 10.95
CA GLU A 250 -20.09 -11.12 12.13
C GLU A 250 -19.26 -11.39 13.38
N CYS A 251 -18.80 -12.62 13.53
CA CYS A 251 -18.06 -13.01 14.72
C CYS A 251 -16.62 -13.38 14.43
N HIS A 252 -15.80 -12.41 14.08
CA HIS A 252 -14.43 -12.74 13.78
C HIS A 252 -13.44 -11.85 14.50
N LEU A 253 -12.24 -12.36 14.70
CA LEU A 253 -11.22 -11.59 15.36
C LEU A 253 -10.57 -10.57 14.42
N ALA A 254 -10.41 -10.96 13.15
CA ALA A 254 -9.83 -10.11 12.11
C ALA A 254 -9.90 -10.75 10.72
N ARG A 255 -9.69 -9.94 9.67
CA ARG A 255 -9.71 -10.40 8.24
C ARG A 255 -8.32 -10.26 7.64
N VAL A 256 -7.64 -11.40 7.45
CA VAL A 256 -6.27 -11.35 6.95
C VAL A 256 -6.17 -11.60 5.44
N PRO A 257 -4.97 -11.45 4.90
CA PRO A 257 -4.87 -11.69 3.47
C PRO A 257 -4.59 -13.18 3.31
N SER A 258 -5.00 -13.73 2.18
CA SER A 258 -4.85 -15.13 1.89
C SER A 258 -3.39 -15.52 1.87
N HIS A 259 -3.12 -16.82 1.89
CA HIS A 259 -1.74 -17.29 1.83
C HIS A 259 -1.34 -16.96 0.42
N ALA A 260 -0.06 -17.05 0.14
CA ALA A 260 0.43 -16.73 -1.18
C ALA A 260 1.78 -17.42 -1.41
N VAL A 261 2.09 -17.69 -2.69
CA VAL A 261 3.34 -18.32 -3.06
C VAL A 261 4.38 -17.21 -3.08
N VAL A 262 5.47 -17.42 -2.36
CA VAL A 262 6.55 -16.45 -2.28
C VAL A 262 7.69 -16.91 -3.17
N ALA A 263 8.60 -15.98 -3.48
CA ALA A 263 9.77 -16.21 -4.33
C ALA A 263 10.83 -15.14 -4.04
N ARG A 264 12.01 -15.28 -4.58
CA ARG A 264 13.03 -14.27 -4.34
C ARG A 264 12.72 -12.94 -5.03
N SER A 265 13.24 -11.85 -4.46
CA SER A 265 13.06 -10.50 -4.97
C SER A 265 13.85 -10.23 -6.24
N VAL A 266 15.03 -10.86 -6.35
CA VAL A 266 15.93 -10.71 -7.49
C VAL A 266 16.15 -12.08 -8.09
N ASP A 267 15.98 -12.20 -9.41
CA ASP A 267 16.18 -13.47 -10.10
C ASP A 267 15.38 -14.57 -9.42
N GLY A 268 14.12 -14.30 -9.16
CA GLY A 268 13.31 -15.27 -8.47
C GLY A 268 12.59 -16.18 -9.41
N ARG A 269 12.69 -15.91 -10.69
CA ARG A 269 12.03 -16.76 -11.66
C ARG A 269 10.55 -16.67 -11.49
N GLU A 270 10.01 -15.47 -11.48
CA GLU A 270 8.57 -15.32 -11.34
C GLU A 270 7.74 -15.92 -12.48
N ASP A 271 8.17 -15.67 -13.71
CA ASP A 271 7.48 -16.19 -14.88
C ASP A 271 7.50 -17.72 -14.88
N LEU A 272 8.56 -18.32 -14.35
CA LEU A 272 8.62 -19.76 -14.30
C LEU A 272 7.55 -20.32 -13.39
N ILE A 273 7.52 -19.84 -12.14
CA ILE A 273 6.55 -20.26 -11.13
C ILE A 273 5.16 -20.02 -11.68
N TRP A 274 4.84 -18.77 -12.01
CA TRP A 274 3.52 -18.50 -12.53
C TRP A 274 3.09 -19.41 -13.69
N LYS A 275 4.01 -19.70 -14.62
CA LYS A 275 3.64 -20.59 -15.73
C LYS A 275 3.29 -21.97 -15.16
N LEU A 276 3.99 -22.37 -14.10
CA LEU A 276 3.71 -23.64 -13.47
C LEU A 276 2.30 -23.63 -12.89
N LEU A 277 2.07 -22.79 -11.90
CA LEU A 277 0.78 -22.73 -11.25
C LEU A 277 -0.39 -22.53 -12.22
N HIS A 278 -0.20 -21.69 -13.23
CA HIS A 278 -1.30 -21.47 -14.18
C HIS A 278 -1.71 -22.77 -14.83
N ARG A 279 -0.73 -23.51 -15.34
CA ARG A 279 -0.98 -24.82 -15.96
C ARG A 279 -1.56 -25.77 -14.92
N ALA A 280 -1.06 -25.68 -13.69
CA ALA A 280 -1.55 -26.53 -12.64
C ALA A 280 -3.03 -26.22 -12.33
N GLN A 281 -3.49 -24.96 -12.37
CA GLN A 281 -4.92 -24.74 -12.07
C GLN A 281 -5.76 -25.24 -13.20
N GLU A 282 -5.28 -24.98 -14.41
CA GLU A 282 -5.98 -25.38 -15.60
C GLU A 282 -6.05 -26.90 -15.73
N GLU A 283 -4.97 -27.58 -15.43
CA GLU A 283 -4.95 -29.02 -15.56
C GLU A 283 -5.40 -29.80 -14.31
N PHE A 284 -5.04 -29.35 -13.11
CA PHE A 284 -5.45 -30.05 -11.89
C PHE A 284 -6.26 -29.24 -10.90
N GLY A 285 -6.76 -28.09 -11.32
CA GLY A 285 -7.52 -27.27 -10.41
C GLY A 285 -8.80 -27.95 -10.02
N ARG A 286 -9.81 -27.15 -9.72
CA ARG A 286 -11.12 -27.67 -9.35
C ARG A 286 -11.68 -28.58 -10.43
N ASN A 287 -11.97 -29.83 -10.07
CA ASN A 287 -12.53 -30.86 -10.97
C ASN A 287 -12.06 -30.84 -12.44
N LYS A 288 -10.86 -30.30 -12.69
CA LYS A 288 -10.34 -30.28 -14.04
C LYS A 288 -9.96 -31.73 -14.30
N SER A 289 -9.33 -32.36 -13.29
CA SER A 289 -8.88 -33.76 -13.39
C SER A 289 -9.42 -34.73 -12.31
N SER A 290 -8.92 -35.96 -12.39
CA SER A 290 -9.22 -37.05 -11.47
C SER A 290 -7.89 -37.78 -11.24
N ALA A 291 -7.00 -37.66 -12.21
CA ALA A 291 -5.66 -38.26 -12.16
C ALA A 291 -4.78 -37.70 -11.02
N PHE A 292 -5.11 -36.48 -10.62
CA PHE A 292 -4.42 -35.74 -9.57
C PHE A 292 -5.16 -34.44 -9.40
N GLN A 293 -5.33 -34.04 -8.16
CA GLN A 293 -6.04 -32.81 -7.83
C GLN A 293 -5.08 -31.92 -7.03
N LEU A 294 -4.84 -30.72 -7.55
CA LEU A 294 -3.90 -29.81 -6.94
C LEU A 294 -4.35 -29.48 -5.54
N PHE A 295 -5.58 -29.01 -5.43
CA PHE A 295 -6.15 -28.60 -4.16
C PHE A 295 -6.91 -29.68 -3.35
N LYS A 296 -6.29 -30.86 -3.24
CA LYS A 296 -6.86 -31.99 -2.50
C LYS A 296 -5.69 -32.63 -1.79
N SER A 297 -5.92 -33.24 -0.63
CA SER A 297 -4.86 -33.90 0.12
C SER A 297 -5.37 -35.20 0.71
N THR A 298 -4.47 -35.92 1.38
CA THR A 298 -4.78 -37.17 2.04
C THR A 298 -5.51 -36.82 3.35
N PRO A 299 -6.43 -37.67 3.85
CA PRO A 299 -7.18 -37.41 5.10
C PRO A 299 -6.29 -37.30 6.35
N GLU A 300 -5.21 -38.08 6.37
CA GLU A 300 -4.30 -38.03 7.49
C GLU A 300 -3.90 -36.59 7.73
N GLU A 301 -3.19 -36.02 6.75
CA GLU A 301 -2.73 -34.64 6.86
C GLU A 301 -3.36 -33.74 5.82
N GLN A 302 -3.87 -32.61 6.26
CA GLN A 302 -4.53 -31.67 5.38
C GLN A 302 -3.61 -30.54 4.92
N ASP A 303 -4.13 -29.72 4.02
CA ASP A 303 -3.42 -28.56 3.49
C ASP A 303 -1.98 -28.88 3.16
N LEU A 304 -1.77 -29.86 2.30
CA LEU A 304 -0.42 -30.23 1.90
C LEU A 304 -0.17 -29.34 0.71
N LEU A 305 1.03 -28.93 0.52
CA LEU A 305 1.27 -28.02 -0.56
C LEU A 305 0.20 -26.91 -0.49
N PHE A 306 -0.87 -26.92 -1.23
CA PHE A 306 -1.69 -25.68 -1.15
C PHE A 306 -2.82 -25.76 -0.15
N LYS A 307 -3.64 -24.70 -0.08
CA LYS A 307 -4.78 -24.75 0.83
C LYS A 307 -5.89 -25.49 0.12
N ASP A 308 -6.25 -26.64 0.68
CA ASP A 308 -7.29 -27.49 0.12
C ASP A 308 -8.61 -26.78 -0.15
N SER A 309 -9.12 -27.02 -1.35
CA SER A 309 -10.38 -26.46 -1.82
C SER A 309 -10.33 -24.97 -2.09
N ALA A 310 -9.17 -24.51 -2.54
CA ALA A 310 -8.95 -23.11 -2.92
C ALA A 310 -9.38 -23.14 -4.38
N LEU A 311 -9.83 -22.02 -4.94
CA LEU A 311 -10.29 -22.00 -6.32
C LEU A 311 -9.15 -21.88 -7.32
N GLY A 312 -8.02 -21.35 -6.85
CA GLY A 312 -6.88 -21.16 -7.73
C GLY A 312 -5.99 -20.03 -7.22
N PHE A 313 -5.24 -19.43 -8.13
CA PHE A 313 -4.31 -18.36 -7.79
C PHE A 313 -4.55 -17.16 -8.68
N VAL A 314 -4.05 -16.01 -8.25
CA VAL A 314 -4.13 -14.79 -9.01
C VAL A 314 -2.71 -14.25 -9.00
N ARG A 315 -2.19 -13.82 -10.15
CA ARG A 315 -0.85 -13.27 -10.17
C ARG A 315 -0.83 -11.96 -9.42
N ILE A 316 0.17 -11.82 -8.55
CA ILE A 316 0.34 -10.63 -7.79
C ILE A 316 1.22 -9.70 -8.59
N PRO A 317 0.73 -8.51 -8.92
CA PRO A 317 1.47 -7.52 -9.68
C PRO A 317 2.91 -7.38 -9.15
N SER A 318 3.82 -6.85 -9.97
CA SER A 318 5.23 -6.73 -9.56
C SER A 318 5.70 -5.72 -8.47
N GLN A 319 5.11 -4.54 -8.36
CA GLN A 319 5.59 -3.61 -7.33
C GLN A 319 5.39 -4.19 -5.92
N ILE A 320 4.24 -4.81 -5.71
CA ILE A 320 3.84 -5.37 -4.43
C ILE A 320 4.85 -6.24 -3.70
N ASP A 321 5.22 -5.78 -2.51
CA ASP A 321 6.12 -6.49 -1.64
C ASP A 321 5.22 -6.98 -0.49
N SER A 322 5.77 -7.78 0.42
CA SER A 322 4.97 -8.30 1.53
C SER A 322 4.24 -7.22 2.31
N GLY A 323 4.92 -6.12 2.54
CA GLY A 323 4.34 -5.03 3.28
C GLY A 323 3.13 -4.50 2.58
N LEU A 324 3.17 -4.36 1.27
CA LEU A 324 2.01 -3.85 0.56
C LEU A 324 1.00 -4.95 0.46
N TYR A 325 1.47 -6.19 0.38
CA TYR A 325 0.61 -7.36 0.27
C TYR A 325 -0.37 -7.44 1.42
N LEU A 326 0.18 -7.32 2.62
CA LEU A 326 -0.57 -7.41 3.86
C LEU A 326 -1.44 -6.20 4.23
N GLY A 327 -0.95 -4.99 3.97
CA GLY A 327 -1.73 -3.80 4.27
C GLY A 327 -1.40 -3.15 5.61
N ALA A 328 -1.90 -1.94 5.84
CA ALA A 328 -1.60 -1.25 7.10
C ALA A 328 -2.01 -2.14 8.25
N ASN A 329 -3.31 -2.39 8.31
CA ASN A 329 -3.88 -3.20 9.37
C ASN A 329 -3.15 -4.46 9.79
N TYR A 330 -2.85 -5.36 8.87
CA TYR A 330 -2.18 -6.59 9.27
C TYR A 330 -0.77 -6.33 9.79
N LEU A 331 -0.06 -5.41 9.15
CA LEU A 331 1.31 -5.09 9.57
C LEU A 331 1.39 -4.42 10.91
N THR A 332 0.51 -3.46 11.14
CA THR A 332 0.57 -2.80 12.44
C THR A 332 0.50 -3.89 13.52
N ALA A 333 -0.56 -4.71 13.50
CA ALA A 333 -0.74 -5.77 14.48
C ALA A 333 0.43 -6.74 14.57
N THR A 334 0.97 -7.25 13.46
CA THR A 334 2.11 -8.16 13.62
C THR A 334 3.27 -7.35 14.19
N GLN A 335 3.59 -6.22 13.59
CA GLN A 335 4.67 -5.38 14.12
C GLN A 335 4.39 -5.02 15.58
N ASN A 336 3.13 -5.00 15.96
CA ASN A 336 2.75 -4.64 17.33
C ASN A 336 2.97 -5.74 18.36
N LEU A 337 3.32 -6.93 17.92
CA LEU A 337 3.59 -7.98 18.89
C LEU A 337 5.08 -8.01 19.06
N ARG A 338 5.76 -7.06 18.43
CA ARG A 338 7.21 -6.97 18.59
C ARG A 338 7.63 -5.57 19.02
N GLU A 339 6.68 -4.80 19.53
CA GLU A 339 6.91 -3.44 20.02
C GLU A 339 6.37 -3.27 21.46
N THR A 340 6.85 -2.26 22.20
CA THR A 340 6.43 -2.02 23.59
C THR A 340 5.06 -1.31 23.66
N ALA A 341 4.28 -1.54 24.72
CA ALA A 341 2.97 -0.90 24.89
C ALA A 341 3.13 0.61 24.69
N ALA A 342 4.23 1.16 25.20
CA ALA A 342 4.55 2.57 25.06
C ALA A 342 4.98 2.97 23.64
N GLU A 343 5.58 2.04 22.88
CA GLU A 343 5.99 2.32 21.49
C GLU A 343 4.73 2.42 20.61
N VAL A 344 3.77 1.51 20.87
CA VAL A 344 2.49 1.42 20.16
C VAL A 344 1.62 2.68 20.35
N ALA A 345 1.23 2.96 21.58
CA ALA A 345 0.43 4.16 21.86
C ALA A 345 1.12 5.47 21.38
N ALA A 346 2.46 5.51 21.30
CA ALA A 346 3.15 6.72 20.83
C ALA A 346 2.80 6.94 19.37
N ARG A 347 3.03 5.90 18.56
CA ARG A 347 2.75 5.91 17.12
C ARG A 347 1.29 6.25 16.79
N ARG A 348 0.34 5.85 17.61
CA ARG A 348 -1.07 6.17 17.35
C ARG A 348 -1.39 7.66 17.57
N GLU A 349 -0.60 8.37 18.40
CA GLU A 349 -0.81 9.79 18.74
C GLU A 349 -0.10 10.78 17.87
N ARG A 350 1.05 10.38 17.35
CA ARG A 350 1.78 11.27 16.47
C ARG A 350 1.14 11.22 15.07
N VAL A 351 1.77 11.84 14.08
CA VAL A 351 1.29 11.87 12.71
C VAL A 351 2.57 11.87 11.90
N VAL A 352 2.77 10.81 11.14
CA VAL A 352 3.94 10.69 10.33
C VAL A 352 3.64 11.27 8.95
N TRP A 353 4.37 12.31 8.56
CA TRP A 353 4.21 12.97 7.26
C TRP A 353 5.21 12.38 6.26
N CYS A 354 4.80 12.23 5.01
CA CYS A 354 5.72 11.67 4.06
C CYS A 354 6.26 12.77 3.21
N ALA A 355 7.53 13.06 3.45
CA ALA A 355 8.20 14.11 2.73
C ALA A 355 8.79 13.56 1.48
N VAL A 356 8.55 14.23 0.37
CA VAL A 356 9.05 13.83 -0.94
C VAL A 356 10.39 14.50 -1.31
N GLY A 357 11.48 13.79 -1.04
CA GLY A 357 12.79 14.32 -1.36
C GLY A 357 13.47 15.11 -0.25
N PRO A 358 14.79 15.27 -0.40
CA PRO A 358 15.67 15.98 0.53
C PRO A 358 15.16 17.30 1.10
N GLU A 359 14.78 18.24 0.25
CA GLU A 359 14.33 19.54 0.73
C GLU A 359 13.08 19.50 1.57
N GLU A 360 12.17 18.56 1.33
CA GLU A 360 10.94 18.48 2.11
C GLU A 360 11.20 17.79 3.43
N GLU A 361 12.08 16.80 3.43
CA GLU A 361 12.41 16.10 4.66
C GLU A 361 12.99 17.06 5.67
N ARG A 362 13.82 18.00 5.25
CA ARG A 362 14.39 18.96 6.18
C ARG A 362 13.28 19.82 6.77
N LYS A 363 12.47 20.44 5.92
CA LYS A 363 11.35 21.26 6.42
C LYS A 363 10.52 20.43 7.39
N CYS A 364 10.27 19.20 7.02
CA CYS A 364 9.51 18.33 7.86
C CYS A 364 10.25 18.25 9.18
N LYS A 365 11.56 18.03 9.13
CA LYS A 365 12.36 17.94 10.34
C LYS A 365 12.16 19.15 11.22
N GLN A 366 12.09 20.33 10.62
CA GLN A 366 11.86 21.54 11.40
C GLN A 366 10.43 21.49 11.96
N TRP A 367 9.48 21.09 11.15
CA TRP A 367 8.11 20.99 11.63
C TRP A 367 8.01 19.93 12.72
N SER A 368 8.87 18.93 12.70
CA SER A 368 8.81 17.91 13.73
C SER A 368 9.25 18.54 15.02
N ASP A 369 10.48 19.05 15.07
CA ASP A 369 11.03 19.67 16.28
C ASP A 369 10.11 20.69 16.92
N VAL A 370 9.74 21.69 16.13
CA VAL A 370 8.88 22.75 16.57
C VAL A 370 7.52 22.29 17.12
N SER A 371 7.07 21.10 16.76
CA SER A 371 5.77 20.62 17.24
C SER A 371 5.92 19.75 18.48
N ASN A 372 7.17 19.55 18.89
CA ASN A 372 7.52 18.73 20.04
C ASN A 372 7.05 17.30 19.78
N ARG A 373 7.37 16.86 18.58
CA ARG A 373 7.05 15.55 18.04
C ARG A 373 5.61 15.04 17.97
N LYS A 374 4.67 15.98 17.83
CA LYS A 374 3.29 15.61 17.64
C LYS A 374 3.36 15.17 16.19
N VAL A 375 4.34 15.68 15.44
CA VAL A 375 4.56 15.32 14.04
C VAL A 375 5.98 14.78 13.79
N ALA A 376 6.06 13.67 13.05
CA ALA A 376 7.33 13.03 12.72
C ALA A 376 7.33 12.81 11.21
N CYS A 377 8.46 12.46 10.65
CA CYS A 377 8.58 12.30 9.22
C CYS A 377 9.06 10.98 8.66
N ALA A 378 8.71 10.78 7.40
CA ALA A 378 9.10 9.62 6.66
C ALA A 378 9.36 10.23 5.32
N SER A 379 10.26 9.63 4.56
CA SER A 379 10.59 10.20 3.28
C SER A 379 10.76 9.17 2.20
N ALA A 380 10.56 9.62 0.96
CA ALA A 380 10.71 8.85 -0.25
C ALA A 380 11.16 9.81 -1.39
N SER A 381 11.67 9.26 -2.49
CA SER A 381 12.15 10.07 -3.63
C SER A 381 11.10 10.56 -4.63
N THR A 382 9.92 9.93 -4.60
CA THR A 382 8.80 10.21 -5.49
C THR A 382 7.48 10.17 -4.73
N THR A 383 6.48 10.83 -5.29
CA THR A 383 5.16 10.88 -4.68
C THR A 383 4.46 9.53 -4.59
N GLU A 384 4.79 8.62 -5.49
CA GLU A 384 4.18 7.29 -5.47
C GLU A 384 4.78 6.50 -4.33
N GLU A 385 6.08 6.64 -4.11
CA GLU A 385 6.71 5.92 -3.01
C GLU A 385 6.09 6.31 -1.70
N CYS A 386 5.67 7.56 -1.59
CA CYS A 386 5.05 8.02 -0.36
C CYS A 386 3.67 7.42 -0.14
N ILE A 387 2.87 7.32 -1.21
CA ILE A 387 1.54 6.71 -1.11
C ILE A 387 1.75 5.26 -0.70
N ALA A 388 2.81 4.64 -1.22
CA ALA A 388 3.14 3.27 -0.84
C ALA A 388 3.36 3.24 0.66
N LEU A 389 4.16 4.15 1.18
CA LEU A 389 4.40 4.26 2.63
C LEU A 389 3.08 4.39 3.38
N VAL A 390 2.20 5.26 2.90
CA VAL A 390 0.90 5.47 3.52
C VAL A 390 0.07 4.20 3.51
N LEU A 391 0.17 3.42 2.42
CA LEU A 391 -0.56 2.14 2.28
C LEU A 391 0.05 1.03 3.14
N LYS A 392 1.37 1.06 3.29
CA LYS A 392 2.03 0.08 4.12
C LYS A 392 1.71 0.38 5.57
N GLY A 393 1.42 1.66 5.86
CA GLY A 393 1.11 2.08 7.22
C GLY A 393 2.30 2.73 7.92
N GLU A 394 3.31 3.10 7.14
CA GLU A 394 4.51 3.71 7.69
C GLU A 394 4.50 5.24 7.68
N ALA A 395 3.43 5.82 7.16
CA ALA A 395 3.28 7.27 7.11
C ALA A 395 1.79 7.53 7.24
N ASP A 396 1.39 8.69 7.73
CA ASP A 396 -0.04 8.98 7.87
C ASP A 396 -0.61 9.89 6.80
N ALA A 397 0.19 10.77 6.23
CA ALA A 397 -0.35 11.61 5.18
C ALA A 397 0.69 12.35 4.36
N LEU A 398 0.18 13.07 3.37
CA LEU A 398 0.96 13.95 2.51
C LEU A 398 0.01 14.77 1.66
N ASN A 399 0.42 15.99 1.36
CA ASN A 399 -0.42 16.89 0.57
C ASN A 399 -0.16 16.51 -0.87
N LEU A 400 -1.24 16.25 -1.60
CA LEU A 400 -1.17 15.83 -2.99
C LEU A 400 -1.87 16.69 -3.97
N ASP A 401 -1.40 16.61 -5.21
CA ASP A 401 -1.93 17.35 -6.34
C ASP A 401 -3.20 16.65 -6.86
N GLY A 402 -4.13 17.40 -7.44
CA GLY A 402 -5.36 16.82 -7.93
C GLY A 402 -5.15 15.50 -8.66
N GLY A 403 -4.00 15.40 -9.34
CA GLY A 403 -3.63 14.22 -10.12
C GLY A 403 -3.31 13.04 -9.26
N PHE A 404 -2.52 13.25 -8.20
CA PHE A 404 -2.23 12.13 -7.33
C PHE A 404 -3.30 11.83 -6.28
N ILE A 405 -4.28 12.74 -6.13
CA ILE A 405 -5.40 12.47 -5.22
C ILE A 405 -6.03 11.25 -5.90
N TYR A 406 -6.09 11.29 -7.24
CA TYR A 406 -6.61 10.19 -8.05
C TYR A 406 -5.89 8.87 -7.75
N VAL A 407 -4.59 8.81 -7.84
CA VAL A 407 -3.91 7.56 -7.56
C VAL A 407 -4.16 7.08 -6.14
N ALA A 408 -4.05 8.01 -5.19
CA ALA A 408 -4.27 7.71 -3.77
C ALA A 408 -5.67 7.22 -3.60
N GLY A 409 -6.59 7.97 -4.20
CA GLY A 409 -8.01 7.66 -4.18
C GLY A 409 -8.31 6.31 -4.78
N LYS A 410 -7.53 5.90 -5.76
CA LYS A 410 -7.78 4.59 -6.32
C LYS A 410 -7.20 3.54 -5.39
N CYS A 411 -6.30 3.94 -4.48
CA CYS A 411 -5.70 2.97 -3.55
C CYS A 411 -6.41 2.86 -2.23
N GLY A 412 -7.55 3.53 -2.16
CA GLY A 412 -8.35 3.50 -0.96
C GLY A 412 -8.05 4.62 0.01
N LEU A 413 -7.33 5.66 -0.42
CA LEU A 413 -7.01 6.75 0.49
C LEU A 413 -8.05 7.86 0.30
N VAL A 414 -8.35 8.58 1.38
CA VAL A 414 -9.37 9.65 1.38
C VAL A 414 -8.81 11.01 1.69
N PRO A 415 -9.39 12.05 1.07
CA PRO A 415 -8.93 13.41 1.31
C PRO A 415 -9.48 13.93 2.62
N VAL A 416 -8.58 14.40 3.47
CA VAL A 416 -8.88 14.93 4.80
C VAL A 416 -9.27 16.40 4.72
N LEU A 417 -8.30 17.25 4.39
CA LEU A 417 -8.46 18.70 4.30
C LEU A 417 -7.83 19.22 3.02
N ALA A 418 -8.33 20.33 2.51
CA ALA A 418 -7.83 20.88 1.26
C ALA A 418 -7.15 22.20 1.39
N GLU A 419 -6.11 22.39 0.59
CA GLU A 419 -5.34 23.63 0.55
C GLU A 419 -6.24 24.74 0.03
N ASN A 420 -6.33 25.83 0.79
CA ASN A 420 -7.09 27.01 0.38
C ASN A 420 -6.06 28.18 0.29
N GLN A 421 -5.72 28.55 -0.95
CA GLN A 421 -4.77 29.63 -1.21
C GLN A 421 -5.36 30.92 -0.68
N LYS A 422 -4.51 31.92 -0.46
CA LYS A 422 -4.95 33.23 0.04
C LYS A 422 -5.92 33.87 -0.92
N SER A 423 -7.11 33.29 -0.98
CA SER A 423 -8.20 33.71 -1.85
C SER A 423 -8.62 35.13 -1.55
N GLN A 424 -9.61 35.60 -2.31
CA GLN A 424 -10.07 36.97 -2.18
C GLN A 424 -11.57 37.18 -2.03
N ASN A 425 -11.98 37.55 -0.82
CA ASN A 425 -13.37 37.83 -0.48
C ASN A 425 -13.26 38.65 0.80
N SER A 426 -12.97 37.97 1.91
CA SER A 426 -12.78 38.57 3.24
C SER A 426 -11.93 37.55 4.03
N ASN A 427 -10.60 37.75 4.01
CA ASN A 427 -9.65 36.84 4.68
C ASN A 427 -9.67 36.85 6.22
N ALA A 428 -10.85 36.54 6.78
CA ALA A 428 -11.08 36.48 8.21
C ALA A 428 -11.16 34.95 8.52
N PRO A 429 -11.93 34.50 9.55
CA PRO A 429 -11.91 33.05 9.72
C PRO A 429 -12.58 32.26 8.60
N ASP A 430 -12.87 32.92 7.49
CA ASP A 430 -13.49 32.26 6.33
C ASP A 430 -12.66 31.07 5.84
N CYS A 431 -11.35 31.22 5.78
CA CYS A 431 -10.48 30.16 5.23
C CYS A 431 -10.87 28.70 5.48
N VAL A 432 -10.84 28.24 6.72
CA VAL A 432 -11.19 26.87 7.03
C VAL A 432 -12.63 26.42 6.61
N HIS A 433 -13.50 27.39 6.32
CA HIS A 433 -14.88 27.10 5.93
C HIS A 433 -15.14 27.68 4.57
N ARG A 434 -14.16 28.36 3.98
CA ARG A 434 -14.38 28.94 2.67
C ARG A 434 -14.45 27.81 1.69
N PRO A 435 -15.48 27.81 0.84
CA PRO A 435 -15.58 26.75 -0.13
C PRO A 435 -14.33 26.83 -0.96
N PRO A 436 -13.58 25.72 -1.09
CA PRO A 436 -12.37 25.78 -1.89
C PRO A 436 -12.82 26.18 -3.30
N GLU A 437 -12.02 26.97 -3.99
CA GLU A 437 -12.40 27.41 -5.32
C GLU A 437 -11.52 26.97 -6.49
N GLY A 438 -10.38 26.33 -6.20
CA GLY A 438 -9.47 25.86 -7.23
C GLY A 438 -8.56 26.90 -7.88
N TYR A 439 -7.69 26.44 -8.79
CA TYR A 439 -6.77 27.32 -9.50
C TYR A 439 -6.84 27.02 -10.96
N LEU A 440 -6.51 27.99 -11.79
CA LEU A 440 -6.55 27.79 -13.24
C LEU A 440 -5.21 27.36 -13.82
N ALA A 441 -5.22 26.23 -14.49
CA ALA A 441 -4.00 25.77 -15.12
C ALA A 441 -3.86 26.59 -16.44
N VAL A 442 -2.66 27.03 -16.80
CA VAL A 442 -2.51 27.75 -18.06
C VAL A 442 -1.31 27.37 -18.86
N ALA A 443 -1.32 27.85 -20.10
CA ALA A 443 -0.22 27.63 -21.02
C ALA A 443 0.44 28.96 -21.10
N VAL A 444 1.70 29.00 -20.71
CA VAL A 444 2.44 30.24 -20.67
C VAL A 444 3.64 30.24 -21.65
N VAL A 445 3.80 31.35 -22.38
CA VAL A 445 4.91 31.53 -23.33
C VAL A 445 5.31 33.02 -23.22
N ARG A 446 6.52 33.35 -23.64
CA ARG A 446 7.00 34.73 -23.58
C ARG A 446 6.29 35.52 -24.66
N LYS A 447 6.04 36.79 -24.37
CA LYS A 447 5.38 37.69 -25.30
C LYS A 447 6.12 37.64 -26.65
N SER A 448 7.45 37.74 -26.57
CA SER A 448 8.35 37.71 -27.74
C SER A 448 7.97 36.74 -28.82
N ASP A 449 8.11 35.45 -28.53
CA ASP A 449 7.76 34.41 -29.47
C ASP A 449 6.28 34.63 -29.67
N ALA A 450 5.91 35.60 -30.51
CA ALA A 450 4.52 35.94 -30.76
C ALA A 450 3.96 35.08 -31.87
N ASP A 451 4.87 34.38 -32.53
CA ASP A 451 4.52 33.47 -33.61
C ASP A 451 3.74 32.29 -33.00
N LEU A 452 4.12 31.95 -31.77
CA LEU A 452 3.54 30.84 -31.03
C LEU A 452 2.08 31.03 -30.61
N THR A 453 1.26 30.03 -30.95
CA THR A 453 -0.15 29.97 -30.62
C THR A 453 -0.42 28.54 -30.17
N TRP A 454 -1.58 28.29 -29.57
CA TRP A 454 -1.91 26.95 -29.07
C TRP A 454 -1.82 25.93 -30.16
N ASN A 455 -2.27 26.35 -31.33
CA ASN A 455 -2.33 25.49 -32.49
C ASN A 455 -1.03 25.31 -33.23
N SER A 456 0.07 25.80 -32.69
CA SER A 456 1.38 25.66 -33.31
C SER A 456 2.40 25.07 -32.34
N LEU A 457 1.90 24.44 -31.27
CA LEU A 457 2.77 23.85 -30.25
C LEU A 457 3.53 22.65 -30.74
N SER A 458 2.95 21.93 -31.70
CA SER A 458 3.54 20.73 -32.30
C SER A 458 5.05 20.91 -32.50
N GLY A 459 5.83 19.90 -32.12
CA GLY A 459 7.27 20.00 -32.28
C GLY A 459 7.96 21.15 -31.57
N LYS A 460 7.32 21.82 -30.62
CA LYS A 460 7.99 22.90 -29.88
C LYS A 460 8.50 22.28 -28.58
N LYS A 461 9.37 22.97 -27.87
CA LYS A 461 9.88 22.41 -26.62
C LYS A 461 8.92 22.71 -25.45
N SER A 462 8.74 21.76 -24.54
CA SER A 462 7.85 21.98 -23.40
C SER A 462 8.38 21.76 -21.98
N CYS A 463 7.86 22.59 -21.10
CA CYS A 463 8.20 22.56 -19.70
C CYS A 463 6.97 22.10 -18.90
N HIS A 464 7.12 21.01 -18.16
CA HIS A 464 6.02 20.42 -17.41
C HIS A 464 6.31 20.23 -15.92
N THR A 465 5.33 20.61 -15.10
CA THR A 465 5.48 20.48 -13.66
C THR A 465 5.82 19.03 -13.32
N GLY A 466 5.32 18.09 -14.10
CA GLY A 466 5.66 16.71 -13.81
C GLY A 466 4.62 15.84 -14.43
N VAL A 467 4.90 14.57 -14.58
CA VAL A 467 3.90 13.70 -15.17
C VAL A 467 2.94 13.28 -14.08
N GLY A 468 1.65 13.12 -14.42
CA GLY A 468 0.66 12.69 -13.43
C GLY A 468 -0.07 13.83 -12.76
N ARG A 469 0.58 14.99 -12.76
CA ARG A 469 0.07 16.20 -12.15
C ARG A 469 -0.88 16.96 -13.07
N THR A 470 -1.80 17.67 -12.44
CA THR A 470 -2.85 18.44 -13.07
C THR A 470 -2.55 19.59 -13.99
N ALA A 471 -2.13 20.73 -13.44
CA ALA A 471 -1.82 21.95 -14.21
C ALA A 471 -0.99 21.61 -15.40
N ALA A 472 0.05 20.82 -15.16
CA ALA A 472 0.90 20.32 -16.25
C ALA A 472 0.27 19.01 -16.78
N TRP A 473 1.05 17.98 -17.05
CA TRP A 473 0.48 16.73 -17.59
C TRP A 473 -1.01 16.53 -17.91
N ASN A 474 -1.81 16.15 -16.93
CA ASN A 474 -3.22 15.89 -17.14
C ASN A 474 -4.06 16.87 -17.93
N ILE A 475 -4.02 18.16 -17.62
CA ILE A 475 -4.85 19.10 -18.38
C ILE A 475 -4.36 19.37 -19.82
N PRO A 476 -3.06 19.57 -20.05
CA PRO A 476 -2.66 19.79 -21.43
C PRO A 476 -2.65 18.46 -22.21
N MET A 477 -1.94 17.45 -21.71
CA MET A 477 -1.89 16.18 -22.41
C MET A 477 -3.28 15.65 -22.68
N GLY A 478 -4.23 15.92 -21.80
CA GLY A 478 -5.57 15.43 -22.02
C GLY A 478 -6.18 16.18 -23.19
N LEU A 479 -5.92 17.47 -23.29
CA LEU A 479 -6.47 18.28 -24.37
C LEU A 479 -5.85 17.95 -25.74
N LEU A 480 -4.53 17.81 -25.79
CA LEU A 480 -3.83 17.48 -27.03
C LEU A 480 -4.21 16.10 -27.50
N PHE A 481 -4.29 15.15 -26.57
CA PHE A 481 -4.68 13.78 -26.90
C PHE A 481 -6.06 13.75 -27.59
N ASN A 482 -6.86 14.79 -27.41
CA ASN A 482 -8.17 14.87 -28.01
C ASN A 482 -8.03 15.38 -29.47
N GLN A 483 -7.05 16.24 -29.72
CA GLN A 483 -6.86 16.77 -31.07
C GLN A 483 -5.96 15.95 -31.96
N THR A 484 -5.01 15.21 -31.36
CA THR A 484 -4.09 14.37 -32.14
C THR A 484 -4.47 12.89 -32.21
N GLY A 485 -5.31 12.42 -31.31
CA GLY A 485 -5.71 11.04 -31.30
C GLY A 485 -4.60 10.02 -31.07
N SER A 486 -3.45 10.46 -30.54
CA SER A 486 -2.33 9.54 -30.34
C SER A 486 -1.81 9.49 -28.93
N CYS A 487 -1.30 8.31 -28.56
CA CYS A 487 -0.72 8.08 -27.24
C CYS A 487 0.77 8.35 -27.24
N LYS A 488 1.32 8.66 -28.40
CA LYS A 488 2.72 8.96 -28.48
C LYS A 488 2.85 10.38 -27.93
N PHE A 489 2.91 10.50 -26.60
CA PHE A 489 3.00 11.80 -25.94
C PHE A 489 4.37 12.44 -26.05
N ASP A 490 5.38 11.59 -26.13
CA ASP A 490 6.76 12.04 -26.24
C ASP A 490 7.12 12.57 -27.62
N LYS A 491 6.18 12.45 -28.56
CA LYS A 491 6.42 12.92 -29.93
C LYS A 491 5.69 14.19 -30.29
N PHE A 492 4.77 14.66 -29.46
CA PHE A 492 4.09 15.91 -29.80
C PHE A 492 5.08 17.04 -29.56
N PHE A 493 5.75 17.04 -28.42
CA PHE A 493 6.74 18.07 -28.16
C PHE A 493 8.11 17.52 -28.63
N SER A 494 8.87 18.36 -29.33
CA SER A 494 10.20 18.01 -29.85
C SER A 494 11.12 17.47 -28.77
N GLN A 495 11.17 18.20 -27.68
CA GLN A 495 11.93 17.87 -26.48
C GLN A 495 11.15 18.50 -25.32
N SER A 496 11.34 18.00 -24.12
CA SER A 496 10.60 18.52 -22.98
C SER A 496 11.31 18.21 -21.69
N CYS A 497 10.84 18.84 -20.63
CA CYS A 497 11.33 18.52 -19.30
C CYS A 497 10.01 18.28 -18.58
N ALA A 498 9.85 17.06 -18.07
CA ALA A 498 8.66 16.65 -17.36
C ALA A 498 9.20 15.64 -16.37
N PRO A 499 9.60 16.06 -15.17
CA PRO A 499 10.14 15.07 -14.25
C PRO A 499 9.26 13.90 -13.98
N GLY A 500 9.92 12.74 -13.87
CA GLY A 500 9.23 11.50 -13.60
C GLY A 500 9.06 10.63 -14.82
N ALA A 501 9.41 11.20 -15.96
CA ALA A 501 9.31 10.47 -17.19
C ALA A 501 10.47 9.47 -17.25
N ASP A 502 10.60 8.78 -18.38
CA ASP A 502 11.69 7.81 -18.61
C ASP A 502 12.92 8.68 -18.82
N PRO A 503 13.95 8.53 -17.99
CA PRO A 503 15.16 9.33 -18.10
C PRO A 503 15.75 9.39 -19.51
N GLN A 504 15.52 8.33 -20.28
CA GLN A 504 16.02 8.20 -21.67
C GLN A 504 15.11 8.77 -22.80
N SER A 505 13.94 9.31 -22.45
CA SER A 505 13.03 9.84 -23.46
C SER A 505 13.16 11.34 -23.66
N SER A 506 12.54 11.82 -24.74
CA SER A 506 12.55 13.22 -25.11
C SER A 506 11.90 14.04 -23.99
N LEU A 507 10.95 13.41 -23.28
CA LEU A 507 10.26 14.05 -22.18
C LEU A 507 11.24 14.50 -21.11
N CYS A 508 12.40 13.88 -21.00
CA CYS A 508 13.41 14.25 -20.00
C CYS A 508 14.60 15.02 -20.50
N ALA A 509 14.59 15.39 -21.78
CA ALA A 509 15.70 16.08 -22.43
C ALA A 509 16.16 17.43 -21.87
N LEU A 510 15.20 18.34 -21.66
CA LEU A 510 15.49 19.68 -21.14
C LEU A 510 15.66 19.71 -19.66
N CYS A 511 15.35 18.62 -18.99
CA CYS A 511 15.51 18.64 -17.56
C CYS A 511 16.94 18.96 -17.25
N VAL A 512 17.23 19.23 -15.99
CA VAL A 512 18.54 19.69 -15.59
C VAL A 512 19.13 19.08 -14.32
N GLY A 513 18.29 18.57 -13.43
CA GLY A 513 18.81 18.00 -12.21
C GLY A 513 19.13 19.06 -11.20
N ASN A 514 19.89 18.66 -10.19
CA ASN A 514 20.31 19.56 -9.14
C ASN A 514 21.48 20.40 -9.63
N ASN A 515 22.21 21.04 -8.72
CA ASN A 515 23.32 21.92 -9.08
C ASN A 515 24.54 21.30 -9.80
N GLU A 516 25.02 20.15 -9.34
CA GLU A 516 26.14 19.47 -10.00
C GLU A 516 25.61 18.51 -11.06
N ASN A 517 24.46 18.87 -11.63
CA ASN A 517 23.78 18.13 -12.67
C ASN A 517 23.42 16.66 -12.45
N GLU A 518 23.19 16.28 -11.20
CA GLU A 518 22.80 14.90 -10.91
C GLU A 518 21.29 14.85 -10.67
N ASN A 519 20.70 13.67 -10.85
CA ASN A 519 19.26 13.44 -10.67
C ASN A 519 18.43 14.18 -11.71
N LYS A 520 18.77 14.01 -12.98
CA LYS A 520 18.03 14.69 -14.02
C LYS A 520 16.70 13.98 -14.18
N CYS A 521 15.64 14.78 -14.32
CA CYS A 521 14.29 14.26 -14.48
C CYS A 521 13.63 13.61 -13.28
N MET A 522 14.34 13.55 -12.16
CA MET A 522 13.77 12.97 -10.95
C MET A 522 12.58 13.86 -10.59
N PRO A 523 11.43 13.25 -10.24
CA PRO A 523 10.21 13.96 -9.91
C PRO A 523 10.18 14.52 -8.49
N ASN A 524 11.06 15.48 -8.21
CA ASN A 524 11.16 16.15 -6.91
C ASN A 524 12.01 17.43 -6.98
N SER A 525 12.18 18.13 -5.84
CA SER A 525 12.94 19.40 -5.79
C SER A 525 14.40 19.33 -6.25
N GLU A 526 15.00 18.14 -6.14
CA GLU A 526 16.36 17.94 -6.59
C GLU A 526 16.44 18.33 -8.06
N GLU A 527 15.35 18.23 -8.79
CA GLU A 527 15.39 18.66 -10.16
C GLU A 527 14.95 20.12 -10.10
N ARG A 528 15.83 21.02 -10.49
CA ARG A 528 15.51 22.44 -10.42
C ARG A 528 14.34 22.87 -11.24
N TYR A 529 14.07 22.09 -12.27
CA TYR A 529 12.96 22.40 -13.16
C TYR A 529 11.68 21.70 -12.74
N TYR A 530 11.71 21.00 -11.61
CA TYR A 530 10.50 20.33 -11.13
C TYR A 530 9.54 21.36 -10.50
N GLY A 531 8.24 21.06 -10.54
CA GLY A 531 7.20 21.88 -9.96
C GLY A 531 6.79 23.11 -10.78
N TYR A 532 5.82 23.88 -10.24
CA TYR A 532 5.35 25.12 -10.92
C TYR A 532 6.44 26.12 -11.00
N THR A 533 7.25 26.10 -9.98
CA THR A 533 8.37 27.00 -9.95
C THR A 533 9.34 26.58 -11.06
N GLY A 534 9.87 25.36 -10.95
CA GLY A 534 10.81 24.86 -11.95
C GLY A 534 10.31 24.86 -13.37
N ALA A 535 9.02 24.58 -13.57
CA ALA A 535 8.44 24.57 -14.91
C ALA A 535 8.35 25.97 -15.44
N PHE A 536 8.35 26.97 -14.57
CA PHE A 536 8.27 28.32 -15.09
C PHE A 536 9.69 28.71 -15.37
N ARG A 537 10.58 28.31 -14.48
CA ARG A 537 11.97 28.61 -14.65
C ARG A 537 12.37 28.04 -15.99
N CYS A 538 12.06 26.77 -16.20
CA CYS A 538 12.38 26.07 -17.44
C CYS A 538 12.12 26.96 -18.62
N LEU A 539 11.07 27.78 -18.51
CA LEU A 539 10.70 28.68 -19.56
C LEU A 539 11.56 29.93 -19.54
N ALA A 540 11.71 30.55 -18.36
CA ALA A 540 12.51 31.77 -18.23
C ALA A 540 13.95 31.58 -18.74
N GLU A 541 14.63 30.59 -18.19
CA GLU A 541 16.00 30.30 -18.58
C GLU A 541 16.07 29.79 -20.03
N LYS A 542 15.01 29.98 -20.79
CA LYS A 542 14.95 29.56 -22.19
C LYS A 542 15.31 28.12 -22.60
N ALA A 543 15.01 27.17 -21.70
CA ALA A 543 15.25 25.77 -21.98
C ALA A 543 14.03 25.18 -22.67
N GLY A 544 12.89 25.87 -22.62
CA GLY A 544 11.70 25.35 -23.28
C GLY A 544 10.87 26.50 -23.78
N ASP A 545 9.88 26.28 -24.66
CA ASP A 545 9.07 27.36 -25.22
C ASP A 545 7.68 27.55 -24.59
N VAL A 546 7.15 26.50 -23.98
CA VAL A 546 5.84 26.63 -23.37
C VAL A 546 5.83 25.88 -22.05
N ALA A 547 5.39 26.58 -21.02
CA ALA A 547 5.33 26.00 -19.68
C ALA A 547 3.89 25.95 -19.29
N PHE A 548 3.46 24.79 -18.82
CA PHE A 548 2.09 24.58 -18.42
C PHE A 548 2.07 24.71 -16.90
N VAL A 549 1.52 25.81 -16.42
CA VAL A 549 1.47 26.06 -14.98
C VAL A 549 0.20 26.84 -14.68
N LYS A 550 -0.06 27.08 -13.42
CA LYS A 550 -1.23 27.86 -13.03
C LYS A 550 -0.87 29.35 -13.10
N ASP A 551 -1.89 30.16 -13.30
CA ASP A 551 -1.70 31.62 -13.50
C ASP A 551 -0.81 32.23 -12.45
N VAL A 552 -1.15 31.95 -11.20
CA VAL A 552 -0.40 32.48 -10.07
C VAL A 552 1.12 32.22 -10.07
N THR A 553 1.57 31.17 -10.74
CA THR A 553 2.99 30.83 -10.77
C THR A 553 3.84 31.89 -11.44
N VAL A 554 3.32 32.45 -12.52
CA VAL A 554 4.04 33.49 -13.24
C VAL A 554 4.07 34.63 -12.25
N LEU A 555 2.89 35.03 -11.79
CA LEU A 555 2.75 36.13 -10.84
C LEU A 555 3.67 36.13 -9.62
N GLN A 556 3.87 34.99 -8.98
CA GLN A 556 4.75 34.96 -7.80
C GLN A 556 6.26 34.90 -8.13
N ASN A 557 6.64 34.82 -9.41
CA ASN A 557 8.07 34.74 -9.71
C ASN A 557 8.60 35.84 -10.62
N THR A 558 7.80 36.88 -10.83
CA THR A 558 8.20 37.99 -11.66
C THR A 558 8.09 39.29 -10.86
N ASP A 559 8.56 40.39 -11.44
CA ASP A 559 8.53 41.69 -10.81
C ASP A 559 9.27 41.70 -9.46
N GLY A 560 10.47 41.11 -9.44
CA GLY A 560 11.31 41.08 -8.24
C GLY A 560 10.80 40.38 -7.00
N LYS A 561 9.62 39.79 -7.09
CA LYS A 561 9.03 39.07 -5.96
C LYS A 561 9.90 37.89 -5.56
N ASN A 562 10.45 37.20 -6.55
CA ASN A 562 11.38 36.10 -6.29
C ASN A 562 12.70 36.73 -6.61
N SER A 563 13.63 36.68 -5.67
CA SER A 563 14.95 37.27 -5.86
C SER A 563 16.02 36.25 -6.19
N GLU A 564 15.60 35.02 -6.46
CA GLU A 564 16.54 33.98 -6.84
C GLU A 564 17.00 34.40 -8.24
N PRO A 565 18.34 34.51 -8.43
CA PRO A 565 19.03 34.91 -9.65
C PRO A 565 18.28 34.89 -10.99
N TRP A 566 17.81 33.70 -11.39
CA TRP A 566 17.09 33.51 -12.66
C TRP A 566 15.81 34.33 -12.71
N ALA A 567 15.17 34.47 -11.54
CA ALA A 567 13.93 35.23 -11.41
C ALA A 567 14.19 36.73 -11.41
N LYS A 568 14.65 37.25 -10.27
CA LYS A 568 14.97 38.66 -10.05
C LYS A 568 14.43 39.69 -11.07
N ASP A 569 15.04 39.74 -12.26
CA ASP A 569 14.66 40.68 -13.31
C ASP A 569 13.42 40.33 -14.10
N LEU A 570 12.72 39.26 -13.74
CA LEU A 570 11.55 38.88 -14.52
C LEU A 570 10.45 39.91 -14.34
N LYS A 571 9.68 40.12 -15.40
CA LYS A 571 8.57 41.06 -15.40
C LYS A 571 7.34 40.38 -16.00
N GLN A 572 6.19 40.56 -15.36
CA GLN A 572 4.92 39.96 -15.81
C GLN A 572 4.49 40.40 -17.20
N GLU A 573 5.16 41.40 -17.74
CA GLU A 573 4.84 41.92 -19.06
C GLU A 573 5.48 41.05 -20.14
N ASP A 574 6.68 40.56 -19.84
CA ASP A 574 7.42 39.70 -20.75
C ASP A 574 6.65 38.42 -21.04
N PHE A 575 5.66 38.11 -20.20
CA PHE A 575 4.85 36.90 -20.33
C PHE A 575 3.40 37.03 -20.73
N GLU A 576 2.98 36.07 -21.53
CA GLU A 576 1.61 35.99 -22.03
C GLU A 576 1.14 34.53 -21.94
N LEU A 577 -0.18 34.34 -22.01
CA LEU A 577 -0.79 33.02 -21.94
C LEU A 577 -1.37 32.65 -23.29
N LEU A 578 -1.43 31.35 -23.54
CA LEU A 578 -1.96 30.79 -24.76
C LEU A 578 -3.40 30.32 -24.51
N CYS A 579 -4.34 31.03 -25.12
CA CYS A 579 -5.76 30.74 -24.98
C CYS A 579 -6.19 29.65 -25.93
N LEU A 580 -7.11 28.81 -25.49
CA LEU A 580 -7.63 27.70 -26.28
C LEU A 580 -8.19 28.07 -27.65
N ASP A 581 -8.58 29.32 -27.83
CA ASP A 581 -9.12 29.74 -29.12
C ASP A 581 -8.09 30.40 -30.03
N GLY A 582 -6.83 30.00 -29.91
CA GLY A 582 -5.78 30.57 -30.75
C GLY A 582 -5.15 31.86 -30.26
N THR A 583 -5.91 32.63 -29.49
CA THR A 583 -5.46 33.93 -28.96
C THR A 583 -4.32 33.93 -27.92
N ARG A 584 -3.90 35.14 -27.53
CA ARG A 584 -2.85 35.38 -26.53
C ARG A 584 -3.19 36.65 -25.73
N LYS A 585 -3.33 36.51 -24.40
CA LYS A 585 -3.66 37.62 -23.50
C LYS A 585 -2.56 37.75 -22.45
N PRO A 586 -2.44 38.91 -21.78
CA PRO A 586 -1.40 39.10 -20.74
C PRO A 586 -1.62 38.13 -19.61
N VAL A 587 -0.63 37.92 -18.78
CA VAL A 587 -0.82 36.97 -17.71
C VAL A 587 -1.95 37.36 -16.77
N ALA A 588 -2.40 38.61 -16.86
CA ALA A 588 -3.47 39.05 -15.99
C ALA A 588 -4.86 38.60 -16.48
N GLU A 589 -4.92 38.04 -17.67
CA GLU A 589 -6.18 37.62 -18.28
C GLU A 589 -6.60 36.15 -18.13
N ALA A 590 -5.86 35.40 -17.32
CA ALA A 590 -6.15 33.99 -17.14
C ALA A 590 -7.62 33.59 -17.02
N GLU A 591 -8.45 34.44 -16.42
CA GLU A 591 -9.86 34.12 -16.25
C GLU A 591 -10.58 33.81 -17.56
N SER A 592 -10.20 34.52 -18.63
CA SER A 592 -10.78 34.33 -19.95
C SER A 592 -9.84 33.58 -20.89
N CYS A 593 -8.70 33.16 -20.36
CA CYS A 593 -7.66 32.48 -21.17
C CYS A 593 -6.87 31.42 -20.39
N HIS A 594 -7.52 30.31 -20.08
CA HIS A 594 -6.87 29.25 -19.35
C HIS A 594 -7.32 27.96 -19.98
N LEU A 595 -6.61 26.88 -19.66
CA LEU A 595 -6.98 25.60 -20.23
C LEU A 595 -8.07 24.96 -19.39
N ALA A 596 -8.05 25.17 -18.06
CA ALA A 596 -9.06 24.60 -17.15
C ALA A 596 -8.97 25.05 -15.69
N ARG A 597 -9.96 24.65 -14.90
CA ARG A 597 -10.04 24.98 -13.49
C ARG A 597 -9.94 23.68 -12.73
N ALA A 598 -8.80 23.51 -12.04
CA ALA A 598 -8.47 22.29 -11.29
C ALA A 598 -8.70 22.25 -9.76
N PRO A 599 -8.77 21.05 -9.15
CA PRO A 599 -8.96 20.97 -7.70
C PRO A 599 -7.69 21.33 -6.98
N ASN A 600 -7.81 22.01 -5.84
CA ASN A 600 -6.65 22.38 -5.05
C ASN A 600 -6.04 21.10 -4.54
N HIS A 601 -4.76 21.13 -4.30
CA HIS A 601 -4.13 19.97 -3.70
C HIS A 601 -4.89 19.74 -2.41
N ALA A 602 -4.71 18.59 -1.85
CA ALA A 602 -5.39 18.26 -0.61
C ALA A 602 -4.64 17.21 0.17
N VAL A 603 -4.82 17.18 1.49
CA VAL A 603 -4.16 16.21 2.34
C VAL A 603 -4.91 14.90 2.26
N VAL A 604 -4.21 13.78 2.32
CA VAL A 604 -4.89 12.48 2.28
C VAL A 604 -4.29 11.53 3.30
N SER A 605 -5.12 10.60 3.75
CA SER A 605 -4.71 9.61 4.73
C SER A 605 -5.74 8.50 4.57
N GLN A 606 -5.58 7.44 5.36
CA GLN A 606 -6.53 6.32 5.38
C GLN A 606 -7.77 6.93 6.02
N SER A 607 -8.96 6.41 5.78
CA SER A 607 -10.16 6.97 6.41
C SER A 607 -10.12 6.75 7.94
N ASP A 608 -9.16 5.90 8.31
CA ASP A 608 -8.83 5.47 9.66
C ASP A 608 -8.35 6.63 10.56
N ARG A 609 -7.32 7.32 10.05
CA ARG A 609 -6.65 8.41 10.73
C ARG A 609 -7.13 9.77 10.30
N ALA A 610 -7.99 9.86 9.31
CA ALA A 610 -8.45 11.17 8.86
C ALA A 610 -8.96 12.12 9.93
N GLN A 611 -9.64 11.63 10.97
CA GLN A 611 -10.17 12.52 12.02
C GLN A 611 -9.14 12.93 13.04
N HIS A 612 -8.19 12.04 13.30
CA HIS A 612 -7.11 12.36 14.21
C HIS A 612 -6.25 13.32 13.40
N LEU A 613 -5.92 12.92 12.18
CA LEU A 613 -5.14 13.67 11.23
C LEU A 613 -5.70 15.09 11.12
N LYS A 614 -7.00 15.22 11.13
CA LYS A 614 -7.64 16.52 11.00
C LYS A 614 -7.42 17.35 12.26
N LYS A 615 -7.44 16.69 13.41
CA LYS A 615 -7.27 17.35 14.71
C LYS A 615 -5.89 18.00 14.87
N VAL A 616 -4.86 17.16 14.78
CA VAL A 616 -3.49 17.63 14.88
C VAL A 616 -3.22 18.77 13.89
N LEU A 617 -3.79 18.67 12.69
CA LEU A 617 -3.63 19.68 11.63
C LEU A 617 -4.23 21.07 11.92
N PHE A 618 -5.35 21.10 12.61
CA PHE A 618 -5.91 22.39 12.89
C PHE A 618 -5.04 23.10 13.92
N LEU A 619 -4.48 22.33 14.84
CA LEU A 619 -3.62 22.93 15.86
C LEU A 619 -2.40 23.41 15.13
N GLN A 620 -1.63 22.47 14.62
CA GLN A 620 -0.41 22.78 13.91
C GLN A 620 -0.53 23.99 13.03
N GLN A 621 -1.61 24.11 12.26
CA GLN A 621 -1.78 25.27 11.38
C GLN A 621 -2.25 26.60 12.04
N ASP A 622 -2.70 26.54 13.29
CA ASP A 622 -3.11 27.75 13.99
C ASP A 622 -1.90 28.35 14.66
N GLN A 623 -0.96 27.47 14.98
CA GLN A 623 0.27 27.83 15.61
C GLN A 623 1.23 28.36 14.52
N PHE A 624 1.41 27.66 13.40
CA PHE A 624 2.31 28.07 12.30
C PHE A 624 1.66 28.32 10.92
N GLY A 625 0.36 28.56 10.89
CA GLY A 625 -0.33 28.78 9.62
C GLY A 625 -0.25 30.17 9.05
N GLY A 626 -1.20 30.49 8.18
CA GLY A 626 -1.25 31.79 7.52
C GLY A 626 -1.32 32.92 8.51
N ASN A 627 -1.79 32.63 9.71
CA ASN A 627 -1.89 33.64 10.76
C ASN A 627 -1.30 33.09 12.05
N GLY A 628 -0.34 32.19 11.93
CA GLY A 628 0.25 31.59 13.10
C GLY A 628 1.08 32.59 13.86
N PRO A 629 0.82 32.71 15.18
CA PRO A 629 1.51 33.62 16.09
C PRO A 629 3.01 33.43 15.95
N ASP A 630 3.40 32.17 15.91
CA ASP A 630 4.81 31.82 15.82
C ASP A 630 5.27 31.62 14.37
N CYS A 631 4.53 32.17 13.40
CA CYS A 631 4.90 32.02 12.01
C CYS A 631 6.20 32.73 11.67
N PRO A 632 6.20 34.07 11.49
CA PRO A 632 7.51 34.64 11.15
C PRO A 632 8.48 34.22 12.23
N GLY A 633 7.96 34.26 13.47
CA GLY A 633 8.72 33.89 14.64
C GLY A 633 9.57 32.66 14.50
N LYS A 634 9.02 31.47 14.79
CA LYS A 634 9.79 30.21 14.72
C LYS A 634 9.59 29.15 13.62
N PHE A 635 8.41 29.10 12.98
CA PHE A 635 8.16 28.15 11.87
C PHE A 635 6.91 28.60 11.10
N CYS A 636 6.94 28.56 9.77
CA CYS A 636 5.78 28.92 8.96
C CYS A 636 5.46 27.73 8.10
N LEU A 637 4.42 27.02 8.47
CA LEU A 637 4.07 25.82 7.76
C LEU A 637 3.86 26.08 6.28
N PHE A 638 3.15 27.15 5.94
CA PHE A 638 2.86 27.41 4.53
C PHE A 638 3.84 28.28 3.77
N LYS A 639 5.12 28.24 4.14
CA LYS A 639 6.13 29.08 3.49
C LYS A 639 7.41 28.30 3.30
N SER A 640 8.13 28.58 2.21
CA SER A 640 9.40 27.91 1.90
C SER A 640 10.32 28.61 0.90
N GLU A 641 10.34 29.94 0.86
CA GLU A 641 11.19 30.61 -0.11
C GLU A 641 10.87 30.16 -1.55
N THR A 642 9.62 30.24 -1.95
CA THR A 642 9.18 29.88 -3.32
C THR A 642 9.34 28.42 -3.82
N LYS A 643 9.97 27.56 -3.05
CA LYS A 643 10.16 26.19 -3.49
C LYS A 643 8.92 25.31 -3.34
N ASN A 644 7.84 25.88 -2.81
CA ASN A 644 6.54 25.20 -2.59
C ASN A 644 6.66 23.83 -1.88
N LEU A 645 7.49 23.74 -0.85
CA LEU A 645 7.71 22.49 -0.10
C LEU A 645 6.58 22.12 0.87
N LEU A 646 6.26 20.83 0.89
CA LEU A 646 5.23 20.24 1.70
C LEU A 646 3.86 20.74 1.30
N PHE A 647 3.68 22.05 1.25
CA PHE A 647 2.41 22.68 0.83
C PHE A 647 2.83 23.86 -0.08
N ASN A 648 1.88 24.47 -0.77
CA ASN A 648 2.18 25.60 -1.61
C ASN A 648 2.40 26.80 -0.71
N ASP A 649 3.23 27.73 -1.15
CA ASP A 649 3.56 28.93 -0.41
C ASP A 649 2.50 29.99 -0.35
N ASN A 650 1.43 29.82 -1.10
CA ASN A 650 0.39 30.83 -1.04
C ASN A 650 -0.81 30.30 -0.26
N THR A 651 -0.58 29.18 0.42
CA THR A 651 -1.63 28.55 1.21
C THR A 651 -1.97 29.36 2.44
N GLU A 652 -3.25 29.69 2.61
CA GLU A 652 -3.66 30.46 3.78
C GLU A 652 -3.89 29.53 4.97
N CYS A 653 -4.55 28.41 4.72
CA CYS A 653 -4.87 27.46 5.76
C CYS A 653 -5.23 26.16 5.05
N LEU A 654 -5.71 25.18 5.81
CA LEU A 654 -6.16 23.92 5.24
C LEU A 654 -7.65 23.90 5.56
N ALA A 655 -8.50 24.00 4.54
CA ALA A 655 -9.94 24.04 4.70
C ALA A 655 -10.69 22.70 4.67
N GLU A 656 -11.99 22.77 4.97
CA GLU A 656 -12.90 21.64 5.02
C GLU A 656 -13.28 21.32 3.61
N LEU A 657 -13.69 20.07 3.37
CA LEU A 657 -14.07 19.60 2.01
C LEU A 657 -15.47 19.91 1.49
N GLN A 658 -16.26 20.67 2.24
CA GLN A 658 -17.63 21.06 1.86
C GLN A 658 -18.45 19.85 1.41
N GLY A 659 -18.26 18.70 2.04
CA GLY A 659 -19.02 17.52 1.62
C GLY A 659 -18.25 16.49 0.80
N LYS A 660 -17.45 16.99 -0.14
CA LYS A 660 -16.64 16.16 -1.02
C LYS A 660 -15.68 15.32 -0.21
N THR A 661 -16.13 14.15 0.22
CA THR A 661 -15.33 13.24 1.03
C THR A 661 -14.58 12.07 0.34
N THR A 662 -14.86 11.81 -0.94
CA THR A 662 -14.21 10.76 -1.72
C THR A 662 -13.51 11.45 -2.91
N TYR A 663 -12.44 10.85 -3.42
CA TYR A 663 -11.72 11.45 -4.53
C TYR A 663 -12.63 11.79 -5.69
N GLU A 664 -13.67 10.98 -5.88
CA GLU A 664 -14.64 11.20 -6.95
C GLU A 664 -15.40 12.51 -6.77
N GLN A 665 -15.98 12.73 -5.58
CA GLN A 665 -16.71 13.96 -5.27
C GLN A 665 -15.76 15.16 -5.29
N TYR A 666 -14.57 14.99 -4.73
CA TYR A 666 -13.62 16.09 -4.65
C TYR A 666 -13.07 16.61 -5.96
N LEU A 667 -12.58 15.69 -6.79
CA LEU A 667 -12.00 16.02 -8.09
C LEU A 667 -13.07 16.35 -9.09
N GLY A 668 -14.22 15.77 -8.89
CA GLY A 668 -15.32 16.02 -9.79
C GLY A 668 -15.31 14.97 -10.87
N SER A 669 -16.49 14.75 -11.46
CA SER A 669 -16.68 13.77 -12.53
C SER A 669 -15.76 13.95 -13.76
N GLU A 670 -15.96 15.05 -14.50
CA GLU A 670 -15.15 15.36 -15.69
C GLU A 670 -13.70 14.95 -15.48
N TYR A 671 -12.96 15.75 -14.71
CA TYR A 671 -11.57 15.50 -14.43
C TYR A 671 -11.30 14.02 -14.16
N VAL A 672 -12.15 13.33 -13.42
CA VAL A 672 -11.90 11.90 -13.18
C VAL A 672 -12.00 11.15 -14.49
N THR A 673 -13.02 11.48 -15.29
CA THR A 673 -13.22 10.82 -16.57
C THR A 673 -12.10 11.22 -17.52
N SER A 674 -11.63 12.47 -17.38
CA SER A 674 -10.56 12.97 -18.21
C SER A 674 -9.28 12.20 -17.87
N ILE A 675 -9.12 11.83 -16.60
CA ILE A 675 -7.94 11.11 -16.19
C ILE A 675 -8.00 9.66 -16.58
N THR A 676 -9.20 9.10 -16.70
CA THR A 676 -9.32 7.72 -17.13
C THR A 676 -9.06 7.65 -18.64
N ASN A 677 -9.58 8.62 -19.39
CA ASN A 677 -9.35 8.68 -20.84
C ASN A 677 -7.87 8.66 -21.15
N LEU A 678 -7.07 9.48 -20.47
CA LEU A 678 -5.62 9.50 -20.69
C LEU A 678 -5.01 8.16 -20.37
N ARG A 679 -5.53 7.47 -19.36
CA ARG A 679 -4.97 6.17 -18.96
C ARG A 679 -4.98 5.11 -20.05
N ARG A 680 -5.83 5.27 -21.06
CA ARG A 680 -5.94 4.34 -22.20
C ARG A 680 -4.54 4.21 -22.85
N CYS A 681 -3.77 5.28 -22.74
CA CYS A 681 -2.41 5.33 -23.25
C CYS A 681 -1.43 4.71 -22.25
N SER A 682 -1.22 5.42 -21.14
CA SER A 682 -0.31 4.99 -20.08
C SER A 682 -1.08 4.74 -18.80
N SER A 683 -0.59 3.78 -18.02
CA SER A 683 -1.15 3.41 -16.72
C SER A 683 0.09 3.48 -15.81
N SER A 684 -0.08 3.35 -14.49
CA SER A 684 1.08 3.42 -13.59
C SER A 684 1.18 2.18 -12.69
N PRO A 685 2.39 1.74 -12.35
CA PRO A 685 2.55 0.56 -11.49
C PRO A 685 1.81 0.59 -10.14
N LEU A 686 1.69 1.77 -9.54
CA LEU A 686 0.97 1.88 -8.31
C LEU A 686 -0.52 1.66 -8.57
N LEU A 687 -1.03 2.40 -9.53
CA LEU A 687 -2.43 2.30 -9.94
C LEU A 687 -2.90 0.84 -10.23
N GLU A 688 -1.99 0.02 -10.74
CA GLU A 688 -2.27 -1.39 -11.06
C GLU A 688 -2.24 -2.22 -9.81
N ALA A 689 -1.15 -2.10 -9.06
CA ALA A 689 -0.93 -2.81 -7.80
C ALA A 689 -2.14 -2.58 -6.91
N CYS A 690 -2.69 -1.37 -7.00
CA CYS A 690 -3.86 -0.98 -6.23
C CYS A 690 -5.14 -1.55 -6.78
N ALA A 691 -5.12 -2.02 -8.03
CA ALA A 691 -6.32 -2.62 -8.63
C ALA A 691 -6.48 -4.02 -8.08
N PHE A 692 -5.34 -4.67 -7.84
CA PHE A 692 -5.28 -6.01 -7.27
C PHE A 692 -5.62 -5.94 -5.79
N LEU A 693 -4.89 -5.09 -5.09
CA LEU A 693 -5.07 -4.90 -3.64
C LEU A 693 -6.47 -4.46 -3.19
N ARG A 694 -7.17 -3.71 -4.02
CA ARG A 694 -8.50 -3.24 -3.67
C ARG A 694 -9.55 -3.88 -4.57
N ALA A 695 -9.37 -5.17 -4.78
CA ALA A 695 -10.25 -6.00 -5.60
C ALA A 695 -10.71 -7.23 -4.78
#